data_6TI1
#
_entry.id   6TI1
#
_cell.length_a   114.708
_cell.length_b   114.708
_cell.length_c   192.063
_cell.angle_alpha   90.000
_cell.angle_beta   90.000
_cell.angle_gamma   90.000
#
_symmetry.space_group_name_H-M   'P 41 21 2'
#
loop_
_entity.id
_entity.type
_entity.pdbx_description
1 polymer 'Serine hydroxymethyltransferase'
2 non-polymer GLYCEROL
3 non-polymer N-({3-hydroxy-2-methyl-5-[(phosphonooxy)methyl]pyridin-4-yl}methyl)-L-threonine
4 non-polymer 'SODIUM ION'
5 water water
#
_entity_poly.entity_id   1
_entity_poly.type   'polypeptide(L)'
_entity_poly.pdbx_seq_one_letter_code
;MIFDKEDYKAFDPELWNAIDAEAERQQNNIELIASENVVSKAVMAAQGTLLTNKSAEGYPGKRYYGGTAVIDVVETLAIE
RAKKLFGAKFANVQPHSGSQANAAVYMSLIQPGDTVMGMDLSAGGHLTHGAPVSFSGKTYNFVSYNVDKESELLDYDAIL
AQAKEVRPKLIVAGASAYSRIIDFAKFREIADAVGAYLMVDMAHIAGLVASGHHPSPVPYAHVTTTTTHKTLRGPRGGLI
LTDDEDIAKKLNSAVFPGLQGGPLEHVIAAKAVALKEALDPAFKEYGENVIKNAAAMADVFNQHPDFRVISGGTNNHLFL
VDVTKVVENGKVAQNVLEEVNITLNKNSIPYEQLSPFKTSGIRVGSPAITSRGMGEAESRQIAEWMVEALENHDKPEVLE
RIRGDVKVLTDAFPLY
;
_entity_poly.pdbx_strand_id   A,C
#
loop_
_chem_comp.id
_chem_comp.type
_chem_comp.name
_chem_comp.formula
2BO non-polymer N-({3-hydroxy-2-methyl-5-[(phosphonooxy)methyl]pyridin-4-yl}methyl)-L-threonine 'C12 H19 N2 O8 P'
GOL non-polymer GLYCEROL 'C3 H8 O3'
NA non-polymer 'SODIUM ION' 'Na 1'
#
# COMPACT_ATOMS: atom_id res chain seq x y z
N ASP A 7 27.42 1.36 6.07
CA ASP A 7 27.75 2.71 6.67
C ASP A 7 26.44 3.43 6.98
N TYR A 8 25.37 3.24 6.18
CA TYR A 8 24.05 3.92 6.36
C TYR A 8 23.47 3.53 7.72
N LYS A 9 23.88 2.37 8.23
CA LYS A 9 23.39 1.90 9.55
C LYS A 9 24.05 2.73 10.65
N ALA A 10 25.26 3.25 10.42
CA ALA A 10 25.95 4.07 11.43
C ALA A 10 25.19 5.37 11.57
N PHE A 11 24.68 5.94 10.48
CA PHE A 11 23.85 7.18 10.51
C PHE A 11 22.61 7.00 11.44
N ASP A 12 21.99 5.82 11.51
CA ASP A 12 20.69 5.68 12.25
C ASP A 12 20.70 4.38 13.05
N PRO A 13 21.42 4.30 14.19
CA PRO A 13 21.50 3.06 14.93
C PRO A 13 20.16 2.64 15.53
N GLU A 14 19.36 3.60 15.99
CA GLU A 14 18.10 3.25 16.71
C GLU A 14 17.22 2.44 15.75
N LEU A 15 17.10 2.87 14.50
CA LEU A 15 16.29 2.18 13.46
C LEU A 15 16.96 0.84 13.11
N TRP A 16 18.24 0.84 12.69
CA TRP A 16 18.92 -0.42 12.27
C TRP A 16 19.10 -1.41 13.43
N ASN A 17 19.28 -0.96 14.68
CA ASN A 17 19.27 -1.88 15.86
C ASN A 17 17.89 -2.58 15.91
N ALA A 18 16.78 -1.86 15.67
CA ALA A 18 15.43 -2.45 15.81
C ALA A 18 15.23 -3.43 14.65
N ILE A 19 15.65 -3.09 13.43
CA ILE A 19 15.55 -4.05 12.31
C ILE A 19 16.36 -5.31 12.57
N ASP A 20 17.60 -5.19 13.09
CA ASP A 20 18.42 -6.37 13.47
C ASP A 20 17.69 -7.17 14.57
N ALA A 21 17.13 -6.49 15.54
CA ALA A 21 16.38 -7.18 16.62
C ALA A 21 15.17 -7.91 16.03
N GLU A 22 14.46 -7.37 15.03
CA GLU A 22 13.31 -8.13 14.50
C GLU A 22 13.78 -9.40 13.77
N ALA A 23 14.90 -9.33 13.02
CA ALA A 23 15.47 -10.51 12.34
C ALA A 23 15.78 -11.59 13.38
N GLU A 24 16.40 -11.21 14.49
CA GLU A 24 16.79 -12.17 15.57
C GLU A 24 15.54 -12.69 16.30
N ARG A 25 14.53 -11.84 16.50
CA ARG A 25 13.29 -12.23 17.17
C ARG A 25 12.63 -13.27 16.24
N GLN A 26 12.60 -13.05 14.93
CA GLN A 26 11.90 -14.01 14.02
C GLN A 26 12.64 -15.37 14.03
N GLN A 27 13.99 -15.32 14.06
CA GLN A 27 14.86 -16.52 14.21
C GLN A 27 14.55 -17.24 15.52
N ASN A 28 14.48 -16.54 16.66
CA ASN A 28 14.48 -17.16 18.02
C ASN A 28 13.03 -17.46 18.45
N ASN A 29 12.03 -17.16 17.61
CA ASN A 29 10.61 -17.49 17.94
C ASN A 29 10.08 -18.54 16.95
N ILE A 30 9.18 -19.41 17.43
CA ILE A 30 8.36 -20.33 16.63
C ILE A 30 7.11 -19.54 16.25
N GLU A 31 7.05 -19.14 15.00
CA GLU A 31 5.91 -18.35 14.42
C GLU A 31 4.82 -19.34 13.98
N LEU A 32 3.69 -19.38 14.71
CA LEU A 32 2.49 -20.16 14.39
C LEU A 32 1.30 -19.25 14.05
N ILE A 33 1.49 -17.95 13.90
CA ILE A 33 0.38 -17.06 13.41
C ILE A 33 0.00 -17.49 12.00
N ALA A 34 -1.23 -17.91 11.78
CA ALA A 34 -1.62 -18.67 10.56
C ALA A 34 -1.48 -17.82 9.30
N SER A 35 -1.52 -16.50 9.44
CA SER A 35 -1.37 -15.49 8.35
C SER A 35 0.10 -15.19 8.03
N GLU A 36 1.07 -15.65 8.83
CA GLU A 36 2.48 -15.23 8.64
C GLU A 36 3.20 -16.28 7.80
N ASN A 37 4.32 -15.85 7.24
CA ASN A 37 5.19 -16.73 6.45
C ASN A 37 6.60 -16.14 6.50
N VAL A 38 7.53 -16.83 5.87
CA VAL A 38 8.93 -16.41 5.71
C VAL A 38 9.18 -16.30 4.22
N VAL A 39 9.19 -15.10 3.67
CA VAL A 39 9.37 -14.89 2.21
C VAL A 39 10.84 -15.14 1.90
N SER A 40 11.11 -15.43 0.66
CA SER A 40 12.47 -15.70 0.12
C SER A 40 13.30 -14.44 0.19
N LYS A 41 14.61 -14.64 0.16
CA LYS A 41 15.56 -13.51 -0.04
C LYS A 41 15.20 -12.75 -1.33
N ALA A 42 14.81 -13.46 -2.38
CA ALA A 42 14.51 -12.86 -3.70
C ALA A 42 13.31 -11.90 -3.59
N VAL A 43 12.34 -12.24 -2.75
CA VAL A 43 11.11 -11.42 -2.58
C VAL A 43 11.52 -10.13 -1.87
N MET A 44 12.30 -10.24 -0.79
CA MET A 44 12.73 -9.05 -0.02
C MET A 44 13.63 -8.19 -0.90
N ALA A 45 14.57 -8.82 -1.60
CA ALA A 45 15.47 -8.02 -2.47
C ALA A 45 14.67 -7.25 -3.54
N ALA A 46 13.65 -7.84 -4.16
CA ALA A 46 12.88 -7.19 -5.23
C ALA A 46 12.21 -5.91 -4.69
N GLN A 47 11.71 -5.93 -3.47
CA GLN A 47 10.97 -4.75 -2.98
C GLN A 47 11.97 -3.79 -2.37
N GLY A 48 13.25 -4.18 -2.25
CA GLY A 48 14.36 -3.25 -1.94
C GLY A 48 15.06 -2.66 -3.17
N THR A 49 14.42 -2.57 -4.32
CA THR A 49 15.06 -2.03 -5.55
C THR A 49 14.66 -0.59 -5.82
N LEU A 50 15.32 0.00 -6.83
CA LEU A 50 15.10 1.41 -7.22
C LEU A 50 13.86 1.50 -8.10
N LEU A 51 13.11 0.41 -8.27
CA LEU A 51 11.73 0.54 -8.80
C LEU A 51 10.89 1.53 -7.95
N THR A 52 11.19 1.74 -6.68
CA THR A 52 10.44 2.69 -5.82
C THR A 52 10.57 4.13 -6.38
N ASN A 53 11.56 4.40 -7.21
CA ASN A 53 11.76 5.78 -7.72
C ASN A 53 10.85 6.08 -8.90
N LYS A 54 10.07 5.13 -9.44
CA LYS A 54 9.28 5.34 -10.67
C LYS A 54 7.76 5.37 -10.36
N SER A 55 7.09 6.50 -10.63
CA SER A 55 5.62 6.71 -10.57
C SER A 55 4.98 6.05 -11.78
N ALA A 56 4.08 5.10 -11.57
CA ALA A 56 3.54 4.27 -12.66
C ALA A 56 2.01 4.34 -12.68
N GLU A 57 1.46 5.49 -12.31
CA GLU A 57 0.00 5.75 -12.44
C GLU A 57 -0.47 5.17 -13.76
N GLY A 58 -1.55 4.39 -13.75
CA GLY A 58 -2.17 3.82 -14.96
C GLY A 58 -1.73 2.37 -15.07
N TYR A 59 -1.78 1.78 -16.26
CA TYR A 59 -1.57 0.32 -16.49
C TYR A 59 -0.55 0.17 -17.61
N PRO A 60 0.09 -1.01 -17.74
CA PRO A 60 1.07 -1.25 -18.81
C PRO A 60 0.58 -0.78 -20.19
N GLY A 61 1.38 0.02 -20.87
CA GLY A 61 1.00 0.47 -22.22
C GLY A 61 0.07 1.65 -22.15
N LYS A 62 -0.34 2.08 -20.95
CA LYS A 62 -1.36 3.14 -20.77
C LYS A 62 -1.06 3.86 -19.48
N ARG A 63 0.15 4.37 -19.35
CA ARG A 63 0.62 5.11 -18.15
C ARG A 63 0.34 6.62 -18.27
N TYR A 64 0.19 7.30 -17.15
CA TYR A 64 0.10 8.77 -17.07
C TYR A 64 1.44 9.37 -17.49
N TYR A 65 2.60 8.76 -17.17
CA TYR A 65 3.95 9.38 -17.37
C TYR A 65 4.81 8.49 -18.27
N GLY A 66 5.89 9.09 -18.76
CA GLY A 66 6.85 8.40 -19.64
C GLY A 66 7.89 7.69 -18.79
N GLY A 67 8.84 6.99 -19.40
CA GLY A 67 9.94 6.32 -18.68
C GLY A 67 9.50 5.02 -18.00
N THR A 68 8.36 4.52 -18.44
CA THR A 68 7.65 3.36 -17.85
C THR A 68 7.78 2.12 -18.70
N ALA A 69 8.63 2.10 -19.72
CA ALA A 69 8.72 0.93 -20.64
C ALA A 69 9.14 -0.32 -19.86
N VAL A 70 10.08 -0.15 -18.93
CA VAL A 70 10.65 -1.30 -18.19
C VAL A 70 9.70 -1.70 -17.05
N ILE A 71 9.17 -0.71 -16.34
CA ILE A 71 8.08 -0.91 -15.35
C ILE A 71 7.00 -1.78 -16.00
N ASP A 72 6.57 -1.45 -17.21
CA ASP A 72 5.54 -2.24 -17.94
C ASP A 72 5.95 -3.69 -18.08
N VAL A 73 7.24 -3.98 -18.37
CA VAL A 73 7.72 -5.39 -18.45
C VAL A 73 7.55 -6.06 -17.07
N VAL A 74 7.90 -5.39 -15.97
CA VAL A 74 7.83 -5.98 -14.59
C VAL A 74 6.35 -6.26 -14.23
N GLU A 75 5.46 -5.27 -14.44
CA GLU A 75 4.03 -5.42 -14.08
C GLU A 75 3.41 -6.49 -14.96
N THR A 76 3.68 -6.50 -16.26
CA THR A 76 3.16 -7.54 -17.17
C THR A 76 3.65 -8.92 -16.72
N LEU A 77 4.91 -9.07 -16.32
CA LEU A 77 5.37 -10.37 -15.76
C LEU A 77 4.47 -10.77 -14.57
N ALA A 78 4.20 -9.89 -13.61
CA ALA A 78 3.34 -10.18 -12.43
C ALA A 78 1.95 -10.60 -12.91
N ILE A 79 1.37 -9.87 -13.87
CA ILE A 79 -0.01 -10.14 -14.40
C ILE A 79 -0.03 -11.53 -15.04
N GLU A 80 0.94 -11.81 -15.91
CA GLU A 80 0.96 -13.06 -16.72
C GLU A 80 1.23 -14.23 -15.76
N ARG A 81 2.08 -14.04 -14.76
CA ARG A 81 2.39 -15.16 -13.83
C ARG A 81 1.16 -15.40 -12.95
N ALA A 82 0.44 -14.34 -12.57
CA ALA A 82 -0.81 -14.55 -11.76
C ALA A 82 -1.81 -15.34 -12.60
N LYS A 83 -2.03 -14.93 -13.86
CA LYS A 83 -3.04 -15.57 -14.73
C LYS A 83 -2.64 -17.03 -14.91
N LYS A 84 -1.36 -17.28 -15.12
CA LYS A 84 -0.91 -18.65 -15.43
C LYS A 84 -1.10 -19.49 -14.17
N LEU A 85 -0.62 -19.01 -13.04
CA LEU A 85 -0.66 -19.80 -11.79
C LEU A 85 -2.11 -20.09 -11.42
N PHE A 86 -3.02 -19.10 -11.48
CA PHE A 86 -4.38 -19.33 -10.93
C PHE A 86 -5.35 -19.67 -12.05
N GLY A 87 -4.92 -19.67 -13.32
CA GLY A 87 -5.79 -20.09 -14.44
C GLY A 87 -6.89 -19.05 -14.73
N ALA A 88 -6.62 -17.77 -14.50
CA ALA A 88 -7.58 -16.66 -14.73
C ALA A 88 -7.26 -15.95 -16.05
N LYS A 89 -8.28 -15.42 -16.74
CA LYS A 89 -8.06 -14.66 -17.99
C LYS A 89 -7.58 -13.24 -17.70
N PHE A 90 -7.82 -12.69 -16.51
CA PHE A 90 -7.39 -11.30 -16.17
C PHE A 90 -6.86 -11.27 -14.74
N ALA A 91 -5.88 -10.39 -14.48
CA ALA A 91 -5.29 -10.17 -13.16
C ALA A 91 -4.97 -8.68 -13.05
N ASN A 92 -5.10 -8.19 -11.86
CA ASN A 92 -4.72 -6.82 -11.46
C ASN A 92 -3.81 -7.00 -10.26
N VAL A 93 -2.55 -6.56 -10.37
CA VAL A 93 -1.49 -6.78 -9.34
C VAL A 93 -1.17 -5.46 -8.65
N GLN A 94 -1.96 -4.43 -8.91
CA GLN A 94 -1.73 -3.12 -8.25
C GLN A 94 -2.26 -3.01 -6.81
N PRO A 95 -3.29 -3.78 -6.33
CA PRO A 95 -3.83 -3.47 -5.00
C PRO A 95 -2.78 -3.47 -3.89
N HIS A 96 -2.73 -2.38 -3.10
CA HIS A 96 -1.71 -2.26 -2.04
C HIS A 96 -1.83 -3.34 -0.96
N SER A 97 -3.00 -3.95 -0.84
CA SER A 97 -3.30 -4.82 0.31
C SER A 97 -4.48 -5.68 -0.07
N GLY A 98 -4.79 -6.68 0.75
CA GLY A 98 -6.00 -7.49 0.56
C GLY A 98 -7.27 -6.64 0.77
N SER A 99 -7.21 -5.69 1.69
CA SER A 99 -8.36 -4.80 2.00
C SER A 99 -8.64 -3.91 0.79
N GLN A 100 -7.60 -3.37 0.14
CA GLN A 100 -7.75 -2.47 -1.02
C GLN A 100 -8.28 -3.32 -2.17
N ALA A 101 -7.80 -4.55 -2.34
CA ALA A 101 -8.37 -5.47 -3.35
C ALA A 101 -9.89 -5.58 -3.19
N ASN A 102 -10.33 -5.89 -1.97
CA ASN A 102 -11.77 -6.13 -1.66
C ASN A 102 -12.59 -4.86 -1.96
N ALA A 103 -12.09 -3.70 -1.52
CA ALA A 103 -12.75 -2.41 -1.76
C ALA A 103 -12.97 -2.19 -3.26
N ALA A 104 -11.98 -2.47 -4.10
CA ALA A 104 -12.08 -2.28 -5.57
C ALA A 104 -13.13 -3.23 -6.13
N VAL A 105 -13.22 -4.44 -5.58
CA VAL A 105 -14.22 -5.42 -6.08
C VAL A 105 -15.62 -4.91 -5.74
N TYR A 106 -15.89 -4.47 -4.49
CA TYR A 106 -17.24 -3.95 -4.10
C TYR A 106 -17.56 -2.74 -5.02
N MET A 107 -16.58 -1.89 -5.26
CA MET A 107 -16.76 -0.67 -6.07
C MET A 107 -17.11 -1.07 -7.49
N SER A 108 -16.68 -2.25 -7.92
CA SER A 108 -16.87 -2.70 -9.31
C SER A 108 -18.23 -3.33 -9.44
N LEU A 109 -18.71 -4.02 -8.42
CA LEU A 109 -19.83 -4.96 -8.66
C LEU A 109 -21.14 -4.44 -8.10
N ILE A 110 -21.13 -3.60 -7.07
CA ILE A 110 -22.33 -3.23 -6.28
C ILE A 110 -22.26 -1.73 -6.05
N GLN A 111 -23.31 -1.12 -5.48
N GLN A 111 -23.28 -1.20 -5.36
CA GLN A 111 -23.33 0.33 -5.16
CA GLN A 111 -23.46 0.24 -5.06
C GLN A 111 -23.60 0.45 -3.66
C GLN A 111 -23.55 0.40 -3.56
N PRO A 112 -23.20 1.57 -3.03
CA PRO A 112 -23.41 1.81 -1.62
C PRO A 112 -24.87 1.52 -1.27
N GLY A 113 -25.06 0.89 -0.14
CA GLY A 113 -26.33 0.47 0.46
C GLY A 113 -26.79 -0.90 -0.02
N ASP A 114 -26.22 -1.47 -1.09
CA ASP A 114 -26.60 -2.85 -1.52
C ASP A 114 -26.38 -3.84 -0.38
N THR A 115 -27.17 -4.90 -0.41
CA THR A 115 -27.09 -6.02 0.53
C THR A 115 -26.03 -7.02 0.08
N VAL A 116 -25.19 -7.42 1.04
CA VAL A 116 -24.06 -8.36 0.83
C VAL A 116 -24.15 -9.40 1.92
N MET A 117 -23.93 -10.65 1.59
CA MET A 117 -23.71 -11.69 2.60
C MET A 117 -22.21 -12.00 2.68
N GLY A 118 -21.69 -12.08 3.91
CA GLY A 118 -20.28 -12.39 4.17
C GLY A 118 -20.17 -13.24 5.39
N MET A 119 -19.07 -13.96 5.54
CA MET A 119 -19.01 -14.94 6.64
C MET A 119 -18.95 -14.15 7.96
N ASP A 120 -19.56 -14.67 9.01
CA ASP A 120 -19.54 -14.03 10.36
C ASP A 120 -18.08 -13.86 10.84
N LEU A 121 -17.71 -12.67 11.36
CA LEU A 121 -16.41 -12.29 11.94
C LEU A 121 -15.98 -13.33 13.00
N SER A 122 -16.91 -13.89 13.80
CA SER A 122 -16.62 -14.99 14.76
C SER A 122 -16.32 -16.35 14.09
N ALA A 123 -16.79 -16.60 12.88
CA ALA A 123 -16.51 -17.92 12.26
C ALA A 123 -15.38 -17.77 11.25
N GLY A 124 -14.79 -16.56 11.10
CA GLY A 124 -13.60 -16.37 10.25
C GLY A 124 -13.77 -15.34 9.13
N GLY A 125 -14.88 -14.63 9.07
CA GLY A 125 -15.02 -13.50 8.13
C GLY A 125 -14.00 -12.41 8.44
N HIS A 126 -13.45 -11.76 7.43
CA HIS A 126 -12.47 -10.66 7.61
C HIS A 126 -13.23 -9.37 7.98
N LEU A 127 -12.56 -8.36 8.55
CA LEU A 127 -13.11 -7.00 8.77
C LEU A 127 -13.77 -6.50 7.48
N THR A 128 -13.14 -6.67 6.32
CA THR A 128 -13.61 -6.14 5.02
C THR A 128 -14.80 -6.96 4.49
N HIS A 129 -15.22 -7.98 5.21
CA HIS A 129 -16.44 -8.75 4.88
C HIS A 129 -17.63 -8.30 5.75
N GLY A 130 -17.71 -7.03 6.11
CA GLY A 130 -18.93 -6.45 6.71
C GLY A 130 -18.75 -5.96 8.13
N ALA A 131 -17.56 -5.83 8.69
CA ALA A 131 -17.50 -5.38 10.10
C ALA A 131 -18.03 -3.97 10.12
N PRO A 132 -18.79 -3.53 11.15
CA PRO A 132 -19.31 -2.18 11.19
C PRO A 132 -18.22 -1.12 11.45
N VAL A 133 -17.03 -1.54 11.90
CA VAL A 133 -15.85 -0.63 12.05
C VAL A 133 -15.08 -0.50 10.71
N SER A 134 -15.44 -1.30 9.71
CA SER A 134 -14.82 -1.32 8.34
C SER A 134 -15.66 -0.50 7.37
N PHE A 135 -15.02 0.11 6.38
CA PHE A 135 -15.69 0.77 5.24
C PHE A 135 -16.70 -0.22 4.67
N SER A 136 -16.45 -1.52 4.77
CA SER A 136 -17.35 -2.56 4.19
C SER A 136 -18.76 -2.49 4.85
N GLY A 137 -18.81 -2.54 6.17
CA GLY A 137 -20.06 -2.45 6.97
C GLY A 137 -20.62 -1.04 6.96
N LYS A 138 -19.79 0.00 6.81
CA LYS A 138 -20.28 1.39 6.74
C LYS A 138 -20.90 1.67 5.38
N THR A 139 -20.43 1.05 4.28
CA THR A 139 -20.85 1.46 2.94
C THR A 139 -21.98 0.56 2.41
N TYR A 140 -21.98 -0.70 2.83
CA TYR A 140 -22.84 -1.75 2.28
C TYR A 140 -23.67 -2.31 3.40
N ASN A 141 -24.79 -2.93 3.04
CA ASN A 141 -25.69 -3.58 4.04
C ASN A 141 -25.31 -5.06 4.17
N PHE A 142 -24.36 -5.37 5.04
CA PHE A 142 -23.84 -6.76 5.20
C PHE A 142 -24.75 -7.51 6.15
N VAL A 143 -25.04 -8.73 5.79
CA VAL A 143 -25.78 -9.73 6.58
C VAL A 143 -24.84 -10.95 6.68
N SER A 144 -24.57 -11.45 7.86
CA SER A 144 -23.57 -12.53 8.01
C SER A 144 -24.26 -13.87 7.93
N TYR A 145 -23.56 -14.83 7.35
CA TYR A 145 -23.88 -16.27 7.47
C TYR A 145 -22.82 -16.87 8.38
N ASN A 146 -23.20 -17.97 9.03
CA ASN A 146 -22.33 -18.64 10.02
C ASN A 146 -22.08 -20.06 9.54
N VAL A 147 -21.32 -20.79 10.33
CA VAL A 147 -21.24 -22.28 10.28
C VAL A 147 -22.37 -22.86 11.13
N ASP A 148 -22.64 -24.14 10.96
CA ASP A 148 -23.57 -24.90 11.80
C ASP A 148 -23.00 -24.98 13.22
N LYS A 149 -23.85 -24.79 14.22
CA LYS A 149 -23.49 -24.73 15.66
C LYS A 149 -22.93 -26.08 16.09
N GLU A 150 -23.49 -27.18 15.60
CA GLU A 150 -23.10 -28.53 16.07
C GLU A 150 -21.83 -28.96 15.35
N SER A 151 -21.81 -28.92 14.01
CA SER A 151 -20.71 -29.47 13.17
C SER A 151 -19.56 -28.46 13.10
N GLU A 152 -19.86 -27.17 13.22
CA GLU A 152 -18.92 -26.05 12.92
C GLU A 152 -18.50 -26.10 11.43
N LEU A 153 -19.28 -26.71 10.55
CA LEU A 153 -19.02 -26.75 9.09
C LEU A 153 -19.97 -25.78 8.39
N LEU A 154 -19.55 -25.25 7.23
CA LEU A 154 -20.48 -24.51 6.35
C LEU A 154 -21.65 -25.46 6.03
N ASP A 155 -22.88 -24.99 6.16
CA ASP A 155 -24.11 -25.77 5.82
C ASP A 155 -24.72 -25.08 4.60
N TYR A 156 -24.44 -25.59 3.41
CA TYR A 156 -24.78 -24.94 2.12
C TYR A 156 -26.29 -24.87 1.91
N ASP A 157 -27.07 -25.78 2.47
CA ASP A 157 -28.56 -25.70 2.46
C ASP A 157 -29.03 -24.55 3.33
N ALA A 158 -28.45 -24.37 4.52
CA ALA A 158 -28.85 -23.30 5.46
C ALA A 158 -28.46 -21.96 4.84
N ILE A 159 -27.31 -21.90 4.18
CA ILE A 159 -26.85 -20.64 3.53
C ILE A 159 -27.77 -20.32 2.35
N LEU A 160 -28.12 -21.32 1.53
CA LEU A 160 -29.13 -21.11 0.46
C LEU A 160 -30.40 -20.50 1.07
N ALA A 161 -30.95 -21.04 2.17
CA ALA A 161 -32.29 -20.64 2.67
C ALA A 161 -32.16 -19.17 3.13
N GLN A 162 -31.03 -18.83 3.77
CA GLN A 162 -30.82 -17.43 4.22
C GLN A 162 -30.68 -16.52 3.01
N ALA A 163 -29.94 -16.92 1.98
CA ALA A 163 -29.77 -16.08 0.78
C ALA A 163 -31.15 -15.83 0.13
N LYS A 164 -32.05 -16.80 0.13
CA LYS A 164 -33.35 -16.57 -0.56
C LYS A 164 -34.19 -15.56 0.24
N GLU A 165 -34.03 -15.50 1.56
CA GLU A 165 -34.71 -14.50 2.41
C GLU A 165 -34.03 -13.15 2.25
N VAL A 166 -32.69 -13.11 2.23
CA VAL A 166 -31.94 -11.84 2.35
C VAL A 166 -31.87 -11.15 1.00
N ARG A 167 -31.79 -11.93 -0.08
CA ARG A 167 -31.66 -11.44 -1.48
C ARG A 167 -30.46 -10.54 -1.67
N PRO A 168 -29.24 -11.07 -1.48
CA PRO A 168 -28.05 -10.24 -1.58
C PRO A 168 -27.72 -9.89 -3.04
N LYS A 169 -27.09 -8.76 -3.26
CA LYS A 169 -26.53 -8.48 -4.59
C LYS A 169 -25.20 -9.23 -4.76
N LEU A 170 -24.59 -9.64 -3.66
CA LEU A 170 -23.21 -10.18 -3.68
C LEU A 170 -23.06 -11.08 -2.49
N ILE A 171 -22.45 -12.25 -2.69
CA ILE A 171 -22.06 -13.17 -1.59
C ILE A 171 -20.54 -13.23 -1.60
N VAL A 172 -19.98 -13.06 -0.41
CA VAL A 172 -18.52 -13.06 -0.22
C VAL A 172 -18.26 -14.35 0.54
N ALA A 173 -17.38 -15.19 0.02
CA ALA A 173 -16.90 -16.38 0.77
C ALA A 173 -15.38 -16.26 0.95
N GLY A 174 -14.90 -17.07 1.87
CA GLY A 174 -13.49 -17.15 2.22
C GLY A 174 -13.37 -16.64 3.61
N ALA A 175 -12.33 -17.10 4.29
CA ALA A 175 -12.24 -16.92 5.73
C ALA A 175 -10.78 -16.89 6.18
N SER A 176 -10.62 -16.57 7.45
CA SER A 176 -9.33 -16.42 8.11
C SER A 176 -9.24 -17.39 9.31
N ALA A 177 -10.27 -18.18 9.58
CA ALA A 177 -10.24 -19.15 10.68
C ALA A 177 -11.05 -20.41 10.39
N TYR A 178 -11.24 -20.76 9.13
CA TYR A 178 -12.00 -21.98 8.75
C TYR A 178 -11.02 -23.01 8.25
N SER A 179 -11.03 -24.21 8.83
CA SER A 179 -10.06 -25.31 8.62
C SER A 179 -10.47 -26.29 7.49
N ARG A 180 -11.71 -26.30 7.00
CA ARG A 180 -12.17 -27.41 6.12
C ARG A 180 -12.26 -26.96 4.69
N ILE A 181 -12.35 -27.92 3.78
CA ILE A 181 -12.37 -27.58 2.35
C ILE A 181 -13.65 -26.79 2.03
N ILE A 182 -13.53 -25.61 1.43
CA ILE A 182 -14.74 -24.87 0.97
C ILE A 182 -15.18 -25.44 -0.38
N ASP A 183 -16.48 -25.67 -0.53
CA ASP A 183 -17.10 -26.08 -1.83
C ASP A 183 -17.50 -24.81 -2.60
N PHE A 184 -16.63 -24.33 -3.47
CA PHE A 184 -16.85 -23.12 -4.25
C PHE A 184 -17.94 -23.34 -5.32
N ALA A 185 -18.07 -24.54 -5.88
CA ALA A 185 -19.17 -24.88 -6.78
C ALA A 185 -20.50 -24.66 -6.08
N LYS A 186 -20.64 -25.07 -4.82
CA LYS A 186 -21.85 -24.83 -4.03
C LYS A 186 -22.05 -23.33 -3.82
N PHE A 187 -21.02 -22.56 -3.43
CA PHE A 187 -21.23 -21.10 -3.25
C PHE A 187 -21.73 -20.49 -4.57
N ARG A 188 -21.15 -20.85 -5.72
CA ARG A 188 -21.62 -20.26 -6.99
C ARG A 188 -23.07 -20.72 -7.31
N GLU A 189 -23.43 -21.98 -7.09
CA GLU A 189 -24.85 -22.44 -7.21
C GLU A 189 -25.75 -21.59 -6.29
N ILE A 190 -25.31 -21.28 -5.08
CA ILE A 190 -26.16 -20.45 -4.18
C ILE A 190 -26.36 -19.06 -4.77
N ALA A 191 -25.27 -18.42 -5.19
CA ALA A 191 -25.25 -17.09 -5.84
C ALA A 191 -26.19 -17.10 -7.01
N ASP A 192 -26.03 -18.09 -7.88
CA ASP A 192 -26.82 -18.16 -9.15
C ASP A 192 -28.30 -18.35 -8.84
N ALA A 193 -28.62 -19.14 -7.81
CA ALA A 193 -30.01 -19.36 -7.37
C ALA A 193 -30.66 -18.03 -6.97
N VAL A 194 -29.93 -17.05 -6.44
CA VAL A 194 -30.57 -15.79 -5.96
C VAL A 194 -30.15 -14.62 -6.86
N GLY A 195 -29.48 -14.86 -7.98
CA GLY A 195 -29.05 -13.78 -8.91
C GLY A 195 -27.97 -12.87 -8.30
N ALA A 196 -27.13 -13.37 -7.41
CA ALA A 196 -26.01 -12.62 -6.82
C ALA A 196 -24.68 -12.91 -7.54
N TYR A 197 -23.79 -11.93 -7.50
CA TYR A 197 -22.33 -12.09 -7.74
C TYR A 197 -21.76 -12.95 -6.60
N LEU A 198 -20.74 -13.74 -6.92
CA LEU A 198 -19.90 -14.41 -5.92
C LEU A 198 -18.49 -13.84 -6.01
N MET A 199 -18.04 -13.32 -4.88
CA MET A 199 -16.65 -12.91 -4.64
C MET A 199 -16.05 -13.88 -3.62
N VAL A 200 -14.89 -14.44 -3.91
CA VAL A 200 -14.10 -15.28 -2.98
C VAL A 200 -12.81 -14.54 -2.63
N ASP A 201 -12.64 -14.30 -1.36
CA ASP A 201 -11.41 -13.74 -0.80
C ASP A 201 -10.59 -14.95 -0.36
N MET A 202 -9.60 -15.34 -1.14
CA MET A 202 -8.89 -16.60 -0.84
C MET A 202 -7.58 -16.30 -0.13
N ALA A 203 -7.45 -15.18 0.56
CA ALA A 203 -6.19 -14.74 1.17
C ALA A 203 -5.49 -15.87 1.95
N HIS A 204 -6.16 -16.52 2.90
CA HIS A 204 -5.53 -17.56 3.76
C HIS A 204 -5.05 -18.75 2.95
N ILE A 205 -5.82 -19.14 1.92
CA ILE A 205 -5.67 -20.46 1.23
C ILE A 205 -4.99 -20.30 -0.12
N ALA A 206 -4.58 -19.09 -0.53
CA ALA A 206 -4.15 -18.90 -1.93
C ALA A 206 -2.93 -19.77 -2.26
N GLY A 207 -2.00 -19.92 -1.34
CA GLY A 207 -0.81 -20.79 -1.55
C GLY A 207 -1.23 -22.25 -1.72
N LEU A 208 -2.28 -22.69 -1.00
CA LEU A 208 -2.80 -24.07 -1.13
C LEU A 208 -3.59 -24.19 -2.44
N VAL A 209 -4.25 -23.15 -2.90
CA VAL A 209 -4.84 -23.20 -4.27
C VAL A 209 -3.68 -23.30 -5.26
N ALA A 210 -2.62 -22.54 -5.05
CA ALA A 210 -1.46 -22.61 -5.97
C ALA A 210 -0.80 -23.99 -5.93
N SER A 211 -0.65 -24.59 -4.76
CA SER A 211 0.05 -25.89 -4.61
C SER A 211 -0.82 -27.04 -5.08
N GLY A 212 -2.13 -26.83 -5.24
CA GLY A 212 -3.09 -27.86 -5.66
C GLY A 212 -3.73 -28.59 -4.49
N HIS A 213 -3.53 -28.09 -3.29
CA HIS A 213 -4.04 -28.72 -2.04
C HIS A 213 -5.43 -28.21 -1.66
N HIS A 214 -5.88 -27.06 -2.16
CA HIS A 214 -7.26 -26.60 -1.96
C HIS A 214 -7.88 -26.38 -3.34
N PRO A 215 -9.11 -26.84 -3.56
CA PRO A 215 -9.86 -26.49 -4.78
C PRO A 215 -9.86 -24.98 -5.05
N SER A 216 -9.72 -24.59 -6.31
CA SER A 216 -9.66 -23.18 -6.75
C SER A 216 -11.06 -22.61 -6.74
N PRO A 217 -11.24 -21.37 -6.23
CA PRO A 217 -12.48 -20.61 -6.44
C PRO A 217 -12.53 -19.92 -7.81
N VAL A 218 -11.42 -19.91 -8.54
CA VAL A 218 -11.27 -19.04 -9.74
C VAL A 218 -12.31 -19.37 -10.80
N PRO A 219 -12.60 -20.66 -11.11
CA PRO A 219 -13.64 -20.99 -12.07
C PRO A 219 -15.09 -20.73 -11.61
N TYR A 220 -15.30 -20.43 -10.34
CA TYR A 220 -16.64 -20.35 -9.72
C TYR A 220 -16.97 -18.92 -9.27
N ALA A 221 -16.02 -18.14 -8.77
CA ALA A 221 -16.26 -16.77 -8.30
C ALA A 221 -16.29 -15.87 -9.52
N HIS A 222 -17.19 -14.88 -9.54
CA HIS A 222 -17.10 -13.82 -10.57
C HIS A 222 -15.73 -13.15 -10.46
N VAL A 223 -15.33 -12.86 -9.22
CA VAL A 223 -14.05 -12.18 -8.89
C VAL A 223 -13.43 -12.91 -7.67
N THR A 224 -12.14 -13.21 -7.77
CA THR A 224 -11.32 -13.78 -6.70
C THR A 224 -10.37 -12.69 -6.26
N THR A 225 -10.36 -12.40 -4.97
CA THR A 225 -9.33 -11.58 -4.34
C THR A 225 -8.38 -12.45 -3.52
N THR A 226 -7.19 -11.92 -3.29
CA THR A 226 -6.23 -12.51 -2.33
C THR A 226 -5.22 -11.47 -1.90
N THR A 227 -4.57 -11.75 -0.79
CA THR A 227 -3.27 -11.16 -0.44
C THR A 227 -2.21 -11.90 -1.25
N THR A 228 -1.10 -11.24 -1.51
CA THR A 228 0.08 -11.95 -2.07
C THR A 228 0.91 -12.53 -0.91
N HIS A 229 0.72 -12.05 0.31
CA HIS A 229 1.31 -12.69 1.52
C HIS A 229 0.34 -13.74 2.07
N LYS A 230 0.74 -14.40 3.16
CA LYS A 230 0.08 -15.57 3.83
C LYS A 230 0.61 -16.86 3.13
N THR A 231 -0.24 -17.78 2.74
CA THR A 231 0.19 -19.12 2.31
C THR A 231 0.88 -19.01 0.97
N LEU A 232 0.57 -17.97 0.19
CA LEU A 232 1.18 -17.82 -1.17
C LEU A 232 2.66 -17.41 -1.05
N ARG A 233 3.06 -16.85 0.10
CA ARG A 233 4.49 -16.64 0.49
C ARG A 233 5.10 -15.52 -0.34
N GLY A 234 4.27 -14.52 -0.64
CA GLY A 234 4.61 -13.33 -1.39
C GLY A 234 4.84 -12.14 -0.47
N PRO A 235 5.18 -10.98 -1.09
CA PRO A 235 5.27 -9.74 -0.33
C PRO A 235 3.85 -9.33 0.08
N ARG A 236 3.78 -8.40 1.02
CA ARG A 236 2.53 -7.80 1.54
C ARG A 236 1.93 -6.98 0.38
N GLY A 237 0.71 -7.35 0.01
CA GLY A 237 -0.10 -6.66 -1.01
C GLY A 237 -1.27 -7.49 -1.45
N GLY A 238 -1.97 -7.03 -2.47
CA GLY A 238 -3.18 -7.71 -2.92
C GLY A 238 -3.17 -8.01 -4.39
N LEU A 239 -4.17 -8.73 -4.81
CA LEU A 239 -4.27 -9.27 -6.18
C LEU A 239 -5.74 -9.54 -6.44
N ILE A 240 -6.18 -9.28 -7.66
CA ILE A 240 -7.55 -9.54 -8.15
C ILE A 240 -7.49 -10.34 -9.45
N LEU A 241 -8.39 -11.31 -9.57
CA LEU A 241 -8.53 -12.26 -10.70
C LEU A 241 -10.00 -12.31 -11.13
N THR A 242 -10.22 -12.46 -12.43
CA THR A 242 -11.55 -12.70 -13.02
C THR A 242 -11.34 -13.32 -14.42
N ASP A 243 -12.36 -14.04 -14.91
CA ASP A 243 -12.46 -14.57 -16.28
C ASP A 243 -13.37 -13.66 -17.10
N ASP A 244 -13.99 -12.63 -16.51
CA ASP A 244 -15.02 -11.81 -17.23
C ASP A 244 -14.38 -10.51 -17.72
N GLU A 245 -14.29 -10.33 -19.03
CA GLU A 245 -13.60 -9.13 -19.58
C GLU A 245 -14.27 -7.81 -19.15
N ASP A 246 -15.61 -7.74 -19.07
CA ASP A 246 -16.32 -6.48 -18.69
C ASP A 246 -16.05 -6.19 -17.21
N ILE A 247 -16.05 -7.22 -16.38
CA ILE A 247 -15.72 -7.05 -14.94
C ILE A 247 -14.27 -6.60 -14.84
N ALA A 248 -13.38 -7.17 -15.63
CA ALA A 248 -11.95 -6.81 -15.54
C ALA A 248 -11.83 -5.31 -15.80
N LYS A 249 -12.50 -4.76 -16.83
CA LYS A 249 -12.36 -3.29 -17.09
C LYS A 249 -12.86 -2.47 -15.88
N LYS A 250 -13.95 -2.86 -15.25
CA LYS A 250 -14.43 -2.15 -14.05
C LYS A 250 -13.42 -2.23 -12.90
N LEU A 251 -12.90 -3.43 -12.62
CA LEU A 251 -11.90 -3.66 -11.54
C LEU A 251 -10.67 -2.78 -11.74
N ASN A 252 -10.15 -2.73 -12.95
CA ASN A 252 -8.98 -1.90 -13.30
C ASN A 252 -9.29 -0.45 -12.94
N SER A 253 -10.45 0.07 -13.39
CA SER A 253 -10.83 1.49 -13.17
C SER A 253 -11.07 1.71 -11.68
N ALA A 254 -11.60 0.72 -10.95
CA ALA A 254 -11.83 0.80 -9.48
C ALA A 254 -10.50 0.87 -8.71
N VAL A 255 -9.52 0.04 -9.07
CA VAL A 255 -8.18 0.11 -8.40
C VAL A 255 -7.53 1.46 -8.63
N PHE A 256 -7.53 1.90 -9.87
CA PHE A 256 -6.92 3.20 -10.27
C PHE A 256 -7.68 3.74 -11.47
N PRO A 257 -8.19 5.01 -11.49
CA PRO A 257 -8.07 5.95 -10.38
C PRO A 257 -9.15 5.94 -9.25
N GLY A 258 -10.01 4.93 -9.26
CA GLY A 258 -11.09 4.79 -8.26
C GLY A 258 -10.59 4.89 -6.81
N LEU A 259 -9.59 4.12 -6.39
CA LEU A 259 -9.31 3.92 -4.92
C LEU A 259 -7.89 4.30 -4.59
N GLN A 260 -6.96 3.96 -5.46
CA GLN A 260 -5.52 4.20 -5.27
C GLN A 260 -5.05 5.25 -6.27
N GLY A 261 -3.83 5.72 -6.06
CA GLY A 261 -3.06 6.37 -7.13
C GLY A 261 -1.98 5.44 -7.67
N GLY A 262 -0.74 5.87 -7.48
CA GLY A 262 0.43 5.20 -8.07
C GLY A 262 0.63 3.85 -7.39
N PRO A 263 0.87 2.78 -8.16
CA PRO A 263 1.14 1.48 -7.57
C PRO A 263 2.56 1.42 -6.99
N LEU A 264 2.82 0.42 -6.16
CA LEU A 264 4.17 0.17 -5.62
C LEU A 264 4.89 -0.84 -6.53
N GLU A 265 5.63 -0.37 -7.54
CA GLU A 265 6.17 -1.27 -8.60
C GLU A 265 7.31 -2.14 -8.05
N HIS A 266 8.03 -1.70 -7.02
CA HIS A 266 9.03 -2.54 -6.30
C HIS A 266 8.33 -3.71 -5.62
N VAL A 267 7.13 -3.44 -5.04
CA VAL A 267 6.33 -4.54 -4.44
C VAL A 267 5.79 -5.41 -5.58
N ILE A 268 5.33 -4.81 -6.68
CA ILE A 268 4.86 -5.62 -7.82
C ILE A 268 6.00 -6.51 -8.37
N ALA A 269 7.26 -6.01 -8.45
CA ALA A 269 8.44 -6.87 -8.81
C ALA A 269 8.49 -8.08 -7.86
N ALA A 270 8.29 -7.84 -6.56
CA ALA A 270 8.31 -8.91 -5.53
C ALA A 270 7.13 -9.85 -5.77
N LYS A 271 5.99 -9.36 -6.26
CA LYS A 271 4.85 -10.24 -6.52
C LYS A 271 5.26 -11.20 -7.66
N ALA A 272 5.86 -10.65 -8.73
CA ALA A 272 6.32 -11.41 -9.89
C ALA A 272 7.29 -12.51 -9.42
N VAL A 273 8.22 -12.17 -8.53
CA VAL A 273 9.18 -13.15 -7.92
C VAL A 273 8.41 -14.25 -7.20
N ALA A 274 7.47 -13.88 -6.32
CA ALA A 274 6.72 -14.89 -5.55
C ALA A 274 5.90 -15.74 -6.48
N LEU A 275 5.25 -15.15 -7.48
CA LEU A 275 4.36 -15.97 -8.31
C LEU A 275 5.18 -16.99 -9.11
N LYS A 276 6.36 -16.62 -9.60
CA LYS A 276 7.24 -17.62 -10.27
C LYS A 276 7.72 -18.70 -9.28
N GLU A 277 8.04 -18.35 -8.02
CA GLU A 277 8.34 -19.35 -6.97
C GLU A 277 7.17 -20.31 -6.83
N ALA A 278 5.95 -19.84 -6.92
CA ALA A 278 4.76 -20.69 -6.63
C ALA A 278 4.46 -21.57 -7.85
N LEU A 279 4.89 -21.13 -9.04
CA LEU A 279 4.77 -21.93 -10.27
C LEU A 279 5.77 -23.09 -10.29
N ASP A 280 6.79 -23.06 -9.45
CA ASP A 280 7.85 -24.12 -9.44
C ASP A 280 7.29 -25.38 -8.78
N PRO A 281 7.65 -26.56 -9.34
CA PRO A 281 7.28 -27.84 -8.74
C PRO A 281 7.57 -27.96 -7.25
N ALA A 282 8.60 -27.28 -6.72
CA ALA A 282 8.90 -27.36 -5.30
C ALA A 282 7.76 -26.71 -4.49
N PHE A 283 6.91 -25.86 -5.09
CA PHE A 283 5.83 -25.19 -4.33
C PHE A 283 4.79 -26.24 -3.97
N LYS A 284 4.58 -27.25 -4.82
CA LYS A 284 3.64 -28.37 -4.52
C LYS A 284 4.11 -29.10 -3.26
N GLU A 285 5.42 -29.31 -3.12
CA GLU A 285 5.99 -30.00 -1.94
C GLU A 285 5.78 -29.13 -0.69
N TYR A 286 6.02 -27.82 -0.79
CA TYR A 286 5.68 -26.84 0.28
C TYR A 286 4.24 -27.06 0.74
N GLY A 287 3.31 -27.09 -0.20
CA GLY A 287 1.88 -27.15 0.13
C GLY A 287 1.59 -28.46 0.84
N GLU A 288 2.17 -29.54 0.35
CA GLU A 288 1.97 -30.86 0.99
C GLU A 288 2.50 -30.80 2.44
N ASN A 289 3.68 -30.26 2.65
CA ASN A 289 4.24 -30.14 4.03
C ASN A 289 3.41 -29.21 4.91
N VAL A 290 2.85 -28.14 4.33
CA VAL A 290 1.94 -27.22 5.07
C VAL A 290 0.75 -28.04 5.61
N ILE A 291 0.07 -28.79 4.75
CA ILE A 291 -1.09 -29.63 5.12
C ILE A 291 -0.65 -30.64 6.23
N LYS A 292 0.44 -31.38 6.02
CA LYS A 292 0.88 -32.49 6.94
C LYS A 292 1.25 -31.90 8.30
N ASN A 293 1.90 -30.74 8.28
CA ASN A 293 2.45 -30.13 9.51
C ASN A 293 1.29 -29.60 10.33
N ALA A 294 0.29 -28.97 9.69
CA ALA A 294 -0.90 -28.46 10.39
C ALA A 294 -1.62 -29.68 10.97
N ALA A 295 -1.81 -30.76 10.22
CA ALA A 295 -2.57 -31.92 10.72
C ALA A 295 -1.83 -32.61 11.89
N ALA A 296 -0.50 -32.66 11.88
CA ALA A 296 0.30 -33.24 12.98
C ALA A 296 0.11 -32.39 14.23
N MET A 297 0.02 -31.06 14.09
CA MET A 297 -0.21 -30.24 15.30
C MET A 297 -1.66 -30.48 15.78
N ALA A 298 -2.63 -30.47 14.86
CA ALA A 298 -4.02 -30.61 15.26
C ALA A 298 -4.21 -31.93 16.03
N ASP A 299 -3.57 -32.99 15.54
CA ASP A 299 -3.76 -34.35 16.11
C ASP A 299 -3.34 -34.36 17.59
N VAL A 300 -2.28 -33.63 17.98
CA VAL A 300 -1.87 -33.55 19.40
C VAL A 300 -3.05 -33.04 20.22
N PHE A 301 -3.70 -31.97 19.78
CA PHE A 301 -4.82 -31.36 20.54
C PHE A 301 -6.07 -32.25 20.53
N ASN A 302 -6.32 -32.90 19.40
CA ASN A 302 -7.48 -33.84 19.22
C ASN A 302 -7.38 -34.99 20.24
N GLN A 303 -6.19 -35.59 20.35
CA GLN A 303 -5.95 -36.77 21.24
C GLN A 303 -5.93 -36.33 22.71
N HIS A 304 -5.69 -35.07 23.02
CA HIS A 304 -5.59 -34.64 24.44
C HIS A 304 -6.99 -34.36 24.93
N PRO A 305 -7.41 -34.95 26.07
CA PRO A 305 -8.77 -34.78 26.59
C PRO A 305 -9.13 -33.35 27.04
N ASP A 306 -8.14 -32.52 27.32
CA ASP A 306 -8.45 -31.18 27.87
C ASP A 306 -8.68 -30.17 26.72
N PHE A 307 -8.42 -30.57 25.47
CA PHE A 307 -8.54 -29.64 24.32
C PHE A 307 -9.44 -30.22 23.24
N ARG A 308 -10.13 -29.28 22.58
CA ARG A 308 -11.01 -29.54 21.43
C ARG A 308 -10.62 -28.67 20.22
N VAL A 309 -10.48 -29.31 19.06
CA VAL A 309 -10.13 -28.62 17.78
C VAL A 309 -11.47 -28.35 17.08
N ILE A 310 -11.69 -27.09 16.71
CA ILE A 310 -12.91 -26.58 16.04
C ILE A 310 -13.09 -27.40 14.76
N SER A 311 -14.25 -28.07 14.63
CA SER A 311 -14.64 -28.94 13.47
C SER A 311 -13.87 -30.26 13.56
N GLY A 312 -13.13 -30.52 14.65
CA GLY A 312 -12.48 -31.82 14.93
C GLY A 312 -11.17 -32.00 14.18
N GLY A 313 -10.69 -30.96 13.48
CA GLY A 313 -9.45 -31.07 12.69
C GLY A 313 -9.39 -30.06 11.56
N THR A 314 -8.50 -30.34 10.61
CA THR A 314 -8.19 -29.38 9.54
C THR A 314 -7.89 -30.13 8.23
N ASN A 315 -8.22 -29.50 7.10
CA ASN A 315 -7.73 -29.95 5.77
C ASN A 315 -7.01 -28.75 5.15
N ASN A 316 -6.51 -27.80 5.95
CA ASN A 316 -5.72 -26.70 5.35
C ASN A 316 -4.52 -26.43 6.28
N HIS A 317 -4.08 -25.18 6.36
CA HIS A 317 -2.83 -24.73 7.04
C HIS A 317 -3.11 -24.36 8.49
N LEU A 318 -4.38 -24.24 8.88
CA LEU A 318 -4.72 -23.69 10.20
C LEU A 318 -5.75 -24.56 10.90
N PHE A 319 -5.81 -24.32 12.20
CA PHE A 319 -6.91 -24.84 13.02
C PHE A 319 -7.07 -23.96 14.26
N LEU A 320 -8.24 -24.10 14.90
CA LEU A 320 -8.55 -23.39 16.17
C LEU A 320 -8.68 -24.44 17.28
N VAL A 321 -8.31 -24.05 18.51
CA VAL A 321 -8.39 -24.94 19.69
C VAL A 321 -9.12 -24.21 20.83
N ASP A 322 -10.17 -24.80 21.38
CA ASP A 322 -10.84 -24.26 22.59
C ASP A 322 -9.89 -24.60 23.75
N VAL A 323 -9.32 -23.58 24.39
CA VAL A 323 -8.30 -23.78 25.48
C VAL A 323 -8.94 -23.64 26.87
N THR A 324 -10.25 -23.39 26.98
CA THR A 324 -10.93 -22.82 28.17
C THR A 324 -11.05 -23.84 29.30
N LYS A 325 -10.67 -25.09 29.10
CA LYS A 325 -10.62 -26.11 30.16
C LYS A 325 -9.29 -26.04 30.85
N VAL A 326 -8.27 -25.43 30.23
CA VAL A 326 -6.91 -25.44 30.79
C VAL A 326 -6.56 -24.02 31.26
N VAL A 327 -6.97 -23.00 30.53
CA VAL A 327 -6.68 -21.60 30.93
C VAL A 327 -7.97 -20.87 30.72
N GLU A 328 -8.04 -19.67 31.26
CA GLU A 328 -9.27 -18.88 31.34
C GLU A 328 -9.77 -18.56 29.93
N ASN A 329 -8.86 -18.21 29.02
CA ASN A 329 -9.29 -17.63 27.72
C ASN A 329 -8.09 -17.61 26.76
N GLY A 330 -8.33 -17.27 25.49
CA GLY A 330 -7.28 -17.42 24.49
C GLY A 330 -6.19 -16.43 24.70
N LYS A 331 -6.54 -15.27 25.27
CA LYS A 331 -5.57 -14.20 25.54
C LYS A 331 -4.56 -14.75 26.55
N VAL A 332 -5.05 -15.43 27.59
CA VAL A 332 -4.14 -16.06 28.58
C VAL A 332 -3.25 -17.04 27.83
N ALA A 333 -3.81 -17.91 26.99
CA ALA A 333 -3.04 -18.93 26.25
C ALA A 333 -1.97 -18.28 25.37
N GLN A 334 -2.32 -17.21 24.65
CA GLN A 334 -1.35 -16.47 23.80
C GLN A 334 -0.19 -15.95 24.69
N ASN A 335 -0.51 -15.39 25.85
CA ASN A 335 0.51 -14.79 26.75
C ASN A 335 1.46 -15.89 27.26
N VAL A 336 0.92 -17.05 27.63
CA VAL A 336 1.71 -18.17 28.19
C VAL A 336 2.66 -18.67 27.08
N LEU A 337 2.14 -18.89 25.88
CA LEU A 337 2.98 -19.43 24.78
C LEU A 337 4.07 -18.43 24.42
N GLU A 338 3.74 -17.13 24.39
CA GLU A 338 4.77 -16.08 24.14
C GLU A 338 5.94 -16.22 25.16
N GLU A 339 5.68 -16.64 26.41
CA GLU A 339 6.71 -16.83 27.47
C GLU A 339 7.72 -17.90 26.99
N VAL A 340 7.29 -18.88 26.21
CA VAL A 340 8.23 -19.95 25.76
C VAL A 340 8.56 -19.70 24.28
N ASN A 341 8.45 -18.47 23.79
CA ASN A 341 8.93 -18.11 22.44
C ASN A 341 8.15 -18.87 21.34
N ILE A 342 6.86 -19.16 21.58
CA ILE A 342 5.87 -19.62 20.57
C ILE A 342 4.81 -18.51 20.43
N THR A 343 4.73 -17.92 19.23
CA THR A 343 3.78 -16.78 18.96
C THR A 343 2.60 -17.32 18.17
N LEU A 344 1.40 -17.14 18.68
CA LEU A 344 0.18 -17.39 17.85
C LEU A 344 -0.78 -16.31 18.27
N ASN A 345 -2.06 -16.44 17.95
CA ASN A 345 -3.03 -15.39 18.35
C ASN A 345 -4.22 -16.08 19.02
N LYS A 346 -4.71 -15.43 20.09
CA LYS A 346 -6.06 -15.73 20.61
C LYS A 346 -6.98 -15.64 19.40
N ASN A 347 -8.08 -16.35 19.46
CA ASN A 347 -9.05 -16.25 18.36
C ASN A 347 -10.42 -16.61 18.88
N SER A 348 -11.41 -15.85 18.45
CA SER A 348 -12.82 -16.26 18.56
C SER A 348 -13.04 -17.64 17.92
N ILE A 349 -13.82 -18.46 18.61
CA ILE A 349 -14.33 -19.74 18.09
C ILE A 349 -15.77 -19.53 17.63
N PRO A 350 -16.32 -20.39 16.77
CA PRO A 350 -17.69 -20.17 16.29
C PRO A 350 -18.64 -20.08 17.51
N TYR A 351 -19.57 -19.14 17.49
CA TYR A 351 -20.62 -18.92 18.54
C TYR A 351 -19.91 -18.54 19.84
N GLU A 352 -18.77 -17.88 19.69
CA GLU A 352 -17.92 -17.41 20.82
C GLU A 352 -18.80 -16.74 21.88
N GLN A 353 -18.68 -17.20 23.13
CA GLN A 353 -19.42 -16.68 24.31
C GLN A 353 -18.56 -15.64 25.08
N LEU A 354 -17.24 -15.71 25.02
CA LEU A 354 -16.44 -14.76 25.83
C LEU A 354 -16.26 -13.44 25.08
N SER A 355 -15.68 -12.46 25.74
CA SER A 355 -15.38 -11.16 25.11
C SER A 355 -14.46 -11.38 23.89
N PRO A 356 -14.62 -10.59 22.82
CA PRO A 356 -13.72 -10.69 21.67
C PRO A 356 -12.26 -10.38 22.01
N PHE A 357 -12.02 -9.67 23.12
CA PHE A 357 -10.67 -9.29 23.65
C PHE A 357 -10.04 -10.48 24.38
N LYS A 358 -10.85 -11.46 24.77
CA LYS A 358 -10.37 -12.64 25.54
C LYS A 358 -10.44 -13.86 24.63
N THR A 359 -11.66 -14.21 24.21
CA THR A 359 -11.96 -15.35 23.28
C THR A 359 -11.76 -16.66 24.02
N SER A 360 -12.32 -17.73 23.46
CA SER A 360 -12.18 -19.12 23.93
C SER A 360 -11.02 -19.82 23.25
N GLY A 361 -10.39 -19.20 22.25
CA GLY A 361 -9.59 -20.01 21.31
C GLY A 361 -8.18 -19.54 21.12
N ILE A 362 -7.35 -20.44 20.56
CA ILE A 362 -6.09 -20.07 19.88
C ILE A 362 -6.18 -20.51 18.41
N ARG A 363 -5.54 -19.74 17.52
CA ARG A 363 -5.42 -20.13 16.09
C ARG A 363 -3.97 -20.47 15.86
N VAL A 364 -3.75 -21.62 15.26
CA VAL A 364 -2.42 -22.19 14.94
C VAL A 364 -2.31 -22.39 13.43
N GLY A 365 -1.25 -21.88 12.84
CA GLY A 365 -0.89 -22.28 11.47
C GLY A 365 0.51 -22.87 11.32
N SER A 366 0.64 -23.69 10.29
CA SER A 366 1.88 -24.39 9.84
C SER A 366 2.72 -23.62 8.82
N PRO A 367 2.30 -22.55 8.12
CA PRO A 367 3.13 -22.10 6.98
C PRO A 367 4.55 -21.61 7.31
N ALA A 368 4.74 -20.81 8.36
CA ALA A 368 6.05 -20.26 8.73
C ALA A 368 7.01 -21.39 9.12
N ILE A 369 6.57 -22.31 9.98
CA ILE A 369 7.48 -23.40 10.43
C ILE A 369 7.77 -24.29 9.23
N THR A 370 6.81 -24.55 8.36
CA THR A 370 7.04 -25.32 7.13
C THR A 370 8.07 -24.60 6.27
N SER A 371 7.98 -23.29 6.10
CA SER A 371 8.96 -22.58 5.26
C SER A 371 10.37 -22.67 5.87
N ARG A 372 10.50 -22.84 7.19
CA ARG A 372 11.81 -22.96 7.87
C ARG A 372 12.38 -24.38 7.69
N GLY A 373 11.64 -25.31 7.09
CA GLY A 373 12.09 -26.66 6.81
C GLY A 373 11.58 -27.67 7.82
N MET A 374 10.73 -27.28 8.77
CA MET A 374 10.25 -28.25 9.79
C MET A 374 9.25 -29.24 9.19
N GLY A 375 9.32 -30.48 9.67
CA GLY A 375 8.45 -31.59 9.27
C GLY A 375 7.49 -31.98 10.36
N GLU A 376 6.87 -33.14 10.20
CA GLU A 376 5.77 -33.59 11.08
C GLU A 376 6.29 -33.87 12.50
N ALA A 377 7.53 -34.31 12.67
CA ALA A 377 8.04 -34.68 14.01
C ALA A 377 8.25 -33.38 14.77
N GLU A 378 8.80 -32.39 14.11
CA GLU A 378 8.97 -31.04 14.72
C GLU A 378 7.60 -30.42 15.03
N SER A 379 6.63 -30.54 14.13
CA SER A 379 5.29 -29.92 14.31
C SER A 379 4.66 -30.58 15.51
N ARG A 380 4.72 -31.91 15.63
CA ARG A 380 4.13 -32.60 16.79
C ARG A 380 4.83 -32.14 18.08
N GLN A 381 6.15 -32.08 18.08
CA GLN A 381 6.93 -31.66 19.30
C GLN A 381 6.45 -30.26 19.73
N ILE A 382 6.30 -29.34 18.75
CA ILE A 382 5.83 -27.97 19.01
C ILE A 382 4.46 -28.03 19.69
N ALA A 383 3.51 -28.78 19.16
CA ALA A 383 2.17 -28.84 19.78
C ALA A 383 2.25 -29.53 21.16
N GLU A 384 3.15 -30.50 21.38
CA GLU A 384 3.31 -31.11 22.73
C GLU A 384 3.80 -30.03 23.69
N TRP A 385 4.74 -29.17 23.25
CA TRP A 385 5.23 -28.07 24.12
C TRP A 385 4.10 -27.09 24.43
N MET A 386 3.17 -26.88 23.49
CA MET A 386 2.06 -25.92 23.73
C MET A 386 1.13 -26.49 24.80
N VAL A 387 0.77 -27.78 24.68
CA VAL A 387 -0.07 -28.50 25.68
C VAL A 387 0.62 -28.42 27.06
N GLU A 388 1.89 -28.76 27.12
CA GLU A 388 2.71 -28.79 28.37
C GLU A 388 2.78 -27.36 28.98
N ALA A 389 3.05 -26.34 28.18
CA ALA A 389 3.12 -24.95 28.69
C ALA A 389 1.75 -24.50 29.19
N LEU A 390 0.66 -24.82 28.49
CA LEU A 390 -0.68 -24.36 28.96
C LEU A 390 -1.05 -25.13 30.24
N GLU A 391 -0.77 -26.44 30.30
CA GLU A 391 -1.07 -27.31 31.46
C GLU A 391 -0.27 -26.83 32.68
N ASN A 392 0.91 -26.27 32.46
CA ASN A 392 1.88 -25.93 33.51
C ASN A 392 2.14 -24.42 33.50
N HIS A 393 1.09 -23.64 33.21
CA HIS A 393 1.17 -22.17 32.98
C HIS A 393 1.70 -21.51 34.25
N ASP A 394 1.49 -22.12 35.43
CA ASP A 394 1.86 -21.47 36.71
C ASP A 394 3.18 -22.07 37.21
N LYS A 395 3.86 -22.94 36.48
CA LYS A 395 5.18 -23.44 36.94
C LYS A 395 6.32 -22.82 36.13
N PRO A 396 6.88 -21.68 36.59
CA PRO A 396 7.99 -21.03 35.90
C PRO A 396 9.14 -21.94 35.48
N GLU A 397 9.47 -22.95 36.28
CA GLU A 397 10.58 -23.89 35.99
C GLU A 397 10.20 -24.74 34.76
N VAL A 398 8.92 -25.06 34.55
CA VAL A 398 8.50 -25.84 33.33
C VAL A 398 8.65 -24.93 32.07
N LEU A 399 8.11 -23.72 32.13
CA LEU A 399 8.15 -22.75 31.01
C LEU A 399 9.60 -22.48 30.66
N GLU A 400 10.47 -22.43 31.68
CA GLU A 400 11.90 -22.13 31.48
C GLU A 400 12.51 -23.28 30.69
N ARG A 401 12.14 -24.50 31.05
CA ARG A 401 12.65 -25.68 30.32
C ARG A 401 12.07 -25.70 28.89
N ILE A 402 10.79 -25.44 28.69
CA ILE A 402 10.25 -25.50 27.29
C ILE A 402 10.98 -24.42 26.49
N ARG A 403 11.16 -23.24 27.07
CA ARG A 403 11.85 -22.13 26.37
C ARG A 403 13.24 -22.61 25.96
N GLY A 404 13.93 -23.44 26.77
CA GLY A 404 15.28 -23.91 26.40
C GLY A 404 15.23 -24.95 25.26
N ASP A 405 14.25 -25.83 25.30
CA ASP A 405 14.00 -26.84 24.22
C ASP A 405 13.62 -26.12 22.92
N VAL A 406 12.80 -25.06 22.99
CA VAL A 406 12.40 -24.26 21.79
C VAL A 406 13.68 -23.66 21.15
N LYS A 407 14.64 -23.14 21.94
CA LYS A 407 15.89 -22.57 21.37
C LYS A 407 16.71 -23.65 20.63
N VAL A 408 16.77 -24.89 21.12
CA VAL A 408 17.47 -25.98 20.38
C VAL A 408 16.75 -26.16 19.03
N LEU A 409 15.42 -26.08 19.00
CA LEU A 409 14.67 -26.35 17.74
C LEU A 409 14.91 -25.18 16.76
N THR A 410 14.85 -23.92 17.21
CA THR A 410 15.00 -22.77 16.31
C THR A 410 16.45 -22.73 15.81
N ASP A 411 17.45 -23.01 16.68
CA ASP A 411 18.87 -23.08 16.22
C ASP A 411 19.00 -24.12 15.10
N ALA A 412 18.25 -25.21 15.18
CA ALA A 412 18.34 -26.32 14.20
C ALA A 412 17.65 -25.97 12.88
N PHE A 413 16.71 -25.03 12.86
CA PHE A 413 15.97 -24.68 11.60
C PHE A 413 16.12 -23.19 11.37
N PRO A 414 17.32 -22.71 10.98
CA PRO A 414 17.60 -21.27 10.90
C PRO A 414 16.60 -20.64 9.92
N LEU A 415 16.24 -19.40 10.19
CA LEU A 415 15.18 -18.73 9.44
C LEU A 415 15.61 -18.54 7.96
N TYR A 416 16.83 -18.06 7.67
CA TYR A 416 17.29 -17.74 6.28
C TYR A 416 18.62 -18.43 5.94
N ASP B 7 22.59 -17.89 -4.71
CA ASP B 7 22.28 -16.70 -5.54
C ASP B 7 20.92 -16.83 -6.25
N TYR B 8 19.98 -16.02 -5.80
CA TYR B 8 18.53 -16.14 -6.11
C TYR B 8 18.23 -15.67 -7.55
N LYS B 9 19.08 -14.86 -8.17
CA LYS B 9 18.69 -14.16 -9.43
C LYS B 9 18.76 -15.11 -10.61
N ALA B 10 19.48 -16.23 -10.47
CA ALA B 10 19.63 -17.20 -11.59
C ALA B 10 18.28 -17.92 -11.80
N PHE B 11 17.51 -18.12 -10.72
CA PHE B 11 16.17 -18.76 -10.78
C PHE B 11 15.25 -17.94 -11.71
N ASP B 12 15.37 -16.61 -11.68
CA ASP B 12 14.36 -15.74 -12.35
C ASP B 12 15.04 -14.66 -13.18
N PRO B 13 15.70 -15.02 -14.30
CA PRO B 13 16.42 -14.03 -15.10
C PRO B 13 15.48 -13.00 -15.78
N GLU B 14 14.24 -13.37 -16.16
CA GLU B 14 13.36 -12.38 -16.86
C GLU B 14 13.06 -11.23 -15.90
N LEU B 15 12.83 -11.52 -14.62
CA LEU B 15 12.52 -10.45 -13.63
C LEU B 15 13.79 -9.66 -13.33
N TRP B 16 14.89 -10.33 -12.99
CA TRP B 16 16.14 -9.63 -12.55
C TRP B 16 16.80 -8.90 -13.74
N ASN B 17 16.69 -9.39 -14.96
CA ASN B 17 17.16 -8.58 -16.13
C ASN B 17 16.30 -7.31 -16.23
N ALA B 18 14.98 -7.39 -15.99
CA ALA B 18 14.12 -6.20 -16.13
C ALA B 18 14.56 -5.21 -15.07
N ILE B 19 14.87 -5.67 -13.88
CA ILE B 19 15.30 -4.72 -12.83
C ILE B 19 16.62 -4.04 -13.23
N ASP B 20 17.58 -4.80 -13.77
CA ASP B 20 18.87 -4.26 -14.28
C ASP B 20 18.57 -3.22 -15.37
N ALA B 21 17.64 -3.52 -16.27
CA ALA B 21 17.24 -2.60 -17.36
C ALA B 21 16.61 -1.32 -16.80
N GLU B 22 15.87 -1.40 -15.70
CA GLU B 22 15.29 -0.17 -15.13
C GLU B 22 16.38 0.63 -14.42
N ALA B 23 17.30 -0.02 -13.71
CA ALA B 23 18.49 0.65 -13.11
C ALA B 23 19.29 1.40 -14.20
N GLU B 24 19.43 0.83 -15.39
CA GLU B 24 20.17 1.47 -16.52
C GLU B 24 19.35 2.63 -17.08
N ARG B 25 18.02 2.47 -17.19
CA ARG B 25 17.14 3.55 -17.72
C ARG B 25 17.22 4.75 -16.77
N GLN B 26 17.20 4.54 -15.45
CA GLN B 26 17.26 5.67 -14.48
C GLN B 26 18.64 6.32 -14.62
N GLN B 27 19.71 5.54 -14.70
CA GLN B 27 21.09 6.12 -14.87
C GLN B 27 21.15 6.97 -16.15
N ASN B 28 20.61 6.50 -17.28
CA ASN B 28 20.78 7.10 -18.63
C ASN B 28 19.68 8.13 -18.92
N ASN B 29 18.85 8.47 -17.92
CA ASN B 29 17.67 9.37 -18.04
C ASN B 29 17.90 10.62 -17.21
C ASN B 29 17.90 10.62 -17.21
N ILE B 30 17.46 11.76 -17.74
CA ILE B 30 17.37 13.04 -17.01
C ILE B 30 15.93 13.03 -16.53
N GLU B 31 15.72 12.80 -15.22
CA GLU B 31 14.38 12.73 -14.59
C GLU B 31 13.91 14.14 -14.17
N LEU B 32 12.95 14.72 -14.89
CA LEU B 32 12.35 16.04 -14.61
C LEU B 32 10.88 15.87 -14.18
N ILE B 33 10.38 14.63 -14.00
CA ILE B 33 8.97 14.46 -13.50
C ILE B 33 8.99 14.96 -12.06
N ALA B 34 8.22 16.00 -11.77
CA ALA B 34 8.30 16.84 -10.58
C ALA B 34 7.97 16.05 -9.29
N SER B 35 7.25 14.94 -9.44
CA SER B 35 6.90 13.96 -8.38
C SER B 35 8.03 12.97 -8.11
N GLU B 36 8.99 12.78 -9.02
CA GLU B 36 10.02 11.71 -8.88
C GLU B 36 11.15 12.21 -7.98
N ASN B 37 11.92 11.26 -7.48
CA ASN B 37 13.11 11.54 -6.65
C ASN B 37 14.03 10.34 -6.74
N VAL B 38 15.16 10.41 -6.04
CA VAL B 38 16.14 9.31 -5.92
C VAL B 38 16.32 9.06 -4.46
N VAL B 39 15.72 7.98 -3.95
CA VAL B 39 15.81 7.69 -2.50
C VAL B 39 17.22 7.15 -2.19
N SER B 40 17.60 7.26 -0.93
CA SER B 40 18.87 6.67 -0.43
C SER B 40 18.86 5.15 -0.47
N LYS B 41 20.05 4.59 -0.51
CA LYS B 41 20.24 3.13 -0.33
C LYS B 41 19.63 2.69 1.00
N ALA B 42 19.76 3.49 2.07
CA ALA B 42 19.16 3.18 3.39
C ALA B 42 17.61 3.00 3.27
N VAL B 43 16.93 3.85 2.50
CA VAL B 43 15.43 3.77 2.35
C VAL B 43 15.11 2.47 1.62
N MET B 44 15.84 2.17 0.55
CA MET B 44 15.64 0.91 -0.21
C MET B 44 15.96 -0.30 0.66
N ALA B 45 17.07 -0.28 1.38
CA ALA B 45 17.43 -1.42 2.22
C ALA B 45 16.33 -1.68 3.26
N ALA B 46 15.79 -0.65 3.93
CA ALA B 46 14.76 -0.83 4.99
C ALA B 46 13.54 -1.55 4.41
N GLN B 47 13.15 -1.23 3.18
CA GLN B 47 11.93 -1.84 2.60
C GLN B 47 12.23 -3.21 1.95
N GLY B 48 13.51 -3.61 1.86
CA GLY B 48 13.92 -4.99 1.54
C GLY B 48 14.18 -5.84 2.76
N THR B 49 13.59 -5.56 3.92
CA THR B 49 13.87 -6.35 5.15
C THR B 49 12.78 -7.39 5.44
N LEU B 50 13.06 -8.24 6.43
CA LEU B 50 12.08 -9.31 6.79
C LEU B 50 10.96 -8.73 7.67
N LEU B 51 10.90 -7.38 7.86
CA LEU B 51 9.70 -6.73 8.43
C LEU B 51 8.44 -7.06 7.61
N THR B 52 8.58 -7.38 6.33
CA THR B 52 7.46 -7.76 5.44
C THR B 52 6.76 -9.01 6.01
N ASN B 53 7.44 -9.87 6.77
CA ASN B 53 6.86 -11.13 7.31
C ASN B 53 5.83 -10.86 8.43
N LYS B 54 5.85 -9.69 9.08
CA LYS B 54 5.10 -9.45 10.35
C LYS B 54 3.77 -8.71 10.08
N SER B 55 2.68 -9.34 10.49
CA SER B 55 1.28 -8.82 10.46
C SER B 55 1.07 -7.92 11.68
N ALA B 56 1.03 -6.59 11.48
CA ALA B 56 0.99 -5.59 12.55
C ALA B 56 -0.37 -4.87 12.65
N GLU B 57 -1.49 -5.53 12.33
CA GLU B 57 -2.84 -4.92 12.48
C GLU B 57 -2.95 -4.24 13.83
N GLY B 58 -3.41 -2.99 13.84
CA GLY B 58 -3.50 -2.22 15.09
C GLY B 58 -2.47 -1.13 15.11
N TYR B 59 -2.10 -0.66 16.31
CA TYR B 59 -1.20 0.48 16.52
C TYR B 59 -0.20 0.08 17.61
N PRO B 60 0.92 0.77 17.75
CA PRO B 60 1.87 0.44 18.81
C PRO B 60 1.24 0.28 20.19
N GLY B 61 1.48 -0.91 20.78
CA GLY B 61 1.07 -1.33 22.13
C GLY B 61 -0.36 -1.84 22.12
N LYS B 62 -1.01 -1.88 20.97
CA LYS B 62 -2.46 -2.14 20.82
C LYS B 62 -2.64 -2.94 19.55
N ARG B 63 -1.85 -3.97 19.40
CA ARG B 63 -1.81 -4.81 18.18
C ARG B 63 -2.81 -5.96 18.32
N TYR B 64 -3.40 -6.44 17.22
CA TYR B 64 -4.19 -7.67 17.15
C TYR B 64 -3.35 -8.89 17.55
N TYR B 65 -2.02 -8.93 17.31
CA TYR B 65 -1.16 -10.11 17.58
C TYR B 65 0.00 -9.72 18.47
N GLY B 66 0.71 -10.75 18.94
CA GLY B 66 1.94 -10.62 19.73
C GLY B 66 3.19 -10.78 18.86
N GLY B 67 4.34 -10.72 19.54
CA GLY B 67 5.67 -10.66 18.91
C GLY B 67 5.82 -9.41 18.08
N THR B 68 5.16 -8.32 18.50
CA THR B 68 5.07 -7.02 17.78
C THR B 68 5.80 -5.96 18.58
N ALA B 69 6.52 -6.33 19.65
CA ALA B 69 7.26 -5.32 20.47
C ALA B 69 8.40 -4.66 19.67
N VAL B 70 9.05 -5.34 18.74
CA VAL B 70 10.10 -4.64 17.94
C VAL B 70 9.45 -3.82 16.83
N ILE B 71 8.43 -4.36 16.13
CA ILE B 71 7.59 -3.59 15.17
C ILE B 71 7.20 -2.27 15.82
N ASP B 72 6.71 -2.33 17.07
CA ASP B 72 6.20 -1.14 17.80
C ASP B 72 7.31 -0.10 17.89
N VAL B 73 8.55 -0.54 18.13
CA VAL B 73 9.69 0.42 18.23
C VAL B 73 9.86 1.07 16.88
N VAL B 74 9.81 0.30 15.80
CA VAL B 74 10.07 0.84 14.44
C VAL B 74 8.95 1.84 14.12
N GLU B 75 7.68 1.46 14.34
CA GLU B 75 6.57 2.37 13.97
C GLU B 75 6.68 3.65 14.83
N THR B 76 6.99 3.50 16.11
CA THR B 76 7.02 4.67 17.04
C THR B 76 8.14 5.62 16.57
N LEU B 77 9.29 5.10 16.11
CA LEU B 77 10.36 5.96 15.55
C LEU B 77 9.79 6.77 14.37
N ALA B 78 9.07 6.14 13.45
CA ALA B 78 8.49 6.86 12.29
C ALA B 78 7.50 7.93 12.78
N ILE B 79 6.67 7.61 13.78
CA ILE B 79 5.69 8.59 14.31
C ILE B 79 6.47 9.72 14.99
N GLU B 80 7.41 9.40 15.88
CA GLU B 80 8.13 10.46 16.65
C GLU B 80 8.90 11.35 15.69
N ARG B 81 9.49 10.78 14.64
CA ARG B 81 10.26 11.58 13.68
C ARG B 81 9.34 12.48 12.87
N ALA B 82 8.11 12.04 12.58
CA ALA B 82 7.19 12.82 11.72
C ALA B 82 6.76 14.02 12.55
N LYS B 83 6.40 13.74 13.81
CA LYS B 83 5.99 14.78 14.78
C LYS B 83 7.10 15.83 14.93
N LYS B 84 8.34 15.38 15.16
CA LYS B 84 9.48 16.30 15.37
C LYS B 84 9.77 17.10 14.10
N LEU B 85 9.83 16.45 12.95
CA LEU B 85 10.18 17.09 11.66
C LEU B 85 9.14 18.12 11.31
N PHE B 86 7.82 17.86 11.49
CA PHE B 86 6.76 18.75 10.95
C PHE B 86 6.13 19.62 12.05
N GLY B 87 6.50 19.41 13.33
CA GLY B 87 5.98 20.15 14.49
C GLY B 87 4.51 19.77 14.77
N ALA B 88 4.14 18.52 14.59
CA ALA B 88 2.75 18.05 14.83
C ALA B 88 2.71 17.26 16.12
N LYS B 89 1.60 17.34 16.85
CA LYS B 89 1.41 16.60 18.11
C LYS B 89 1.03 15.15 17.82
N PHE B 90 0.53 14.87 16.63
CA PHE B 90 0.08 13.47 16.28
C PHE B 90 0.47 13.19 14.84
N ALA B 91 0.76 11.90 14.61
CA ALA B 91 1.07 11.41 13.29
C ALA B 91 0.57 9.97 13.17
N ASN B 92 0.17 9.63 11.95
CA ASN B 92 -0.16 8.25 11.58
C ASN B 92 0.72 7.94 10.38
N VAL B 93 1.54 6.92 10.50
CA VAL B 93 2.48 6.51 9.44
C VAL B 93 2.00 5.28 8.67
N GLN B 94 0.79 4.78 8.93
CA GLN B 94 0.30 3.54 8.28
C GLN B 94 -0.28 3.73 6.87
N PRO B 95 -0.75 4.89 6.37
CA PRO B 95 -1.42 4.89 5.05
C PRO B 95 -0.48 4.34 3.97
N HIS B 96 -1.01 3.46 3.11
CA HIS B 96 -0.22 2.79 2.05
C HIS B 96 0.16 3.77 0.96
N SER B 97 -0.49 4.93 0.90
CA SER B 97 -0.24 5.90 -0.19
C SER B 97 -0.79 7.27 0.23
N GLY B 98 -0.56 8.28 -0.60
CA GLY B 98 -1.18 9.61 -0.49
C GLY B 98 -2.72 9.53 -0.61
N SER B 99 -3.20 8.71 -1.53
CA SER B 99 -4.62 8.50 -1.84
C SER B 99 -5.30 7.88 -0.62
N GLN B 100 -4.67 6.90 0.03
CA GLN B 100 -5.23 6.25 1.24
C GLN B 100 -5.22 7.25 2.39
N ALA B 101 -4.16 8.06 2.53
CA ALA B 101 -4.09 9.09 3.57
C ALA B 101 -5.33 9.99 3.43
N ASN B 102 -5.57 10.47 2.23
CA ASN B 102 -6.64 11.45 1.93
C ASN B 102 -8.00 10.79 2.25
N ALA B 103 -8.25 9.54 1.81
CA ALA B 103 -9.50 8.81 2.08
C ALA B 103 -9.72 8.78 3.58
N ALA B 104 -8.69 8.50 4.37
CA ALA B 104 -8.87 8.40 5.84
C ALA B 104 -9.30 9.77 6.39
N VAL B 105 -8.73 10.85 5.92
CA VAL B 105 -9.10 12.17 6.48
C VAL B 105 -10.58 12.48 6.17
N TYR B 106 -11.03 12.23 4.95
CA TYR B 106 -12.44 12.50 4.54
C TYR B 106 -13.35 11.68 5.45
N MET B 107 -12.97 10.43 5.67
CA MET B 107 -13.71 9.49 6.53
C MET B 107 -13.77 9.99 7.95
N SER B 108 -12.75 10.72 8.40
CA SER B 108 -12.68 11.19 9.80
C SER B 108 -13.48 12.49 9.97
N LEU B 109 -13.53 13.36 8.95
CA LEU B 109 -13.98 14.75 9.17
C LEU B 109 -15.39 14.99 8.59
N ILE B 110 -15.84 14.29 7.55
CA ILE B 110 -17.11 14.60 6.82
C ILE B 110 -17.89 13.28 6.60
N GLN B 111 -19.06 13.38 5.97
CA GLN B 111 -19.92 12.24 5.62
C GLN B 111 -20.10 12.23 4.12
N PRO B 112 -20.44 11.05 3.55
CA PRO B 112 -20.85 11.00 2.16
C PRO B 112 -21.96 12.05 1.89
N GLY B 113 -21.84 12.71 0.75
CA GLY B 113 -22.79 13.74 0.29
C GLY B 113 -22.42 15.13 0.78
N ASP B 114 -21.52 15.23 1.77
CA ASP B 114 -21.01 16.53 2.26
C ASP B 114 -20.29 17.26 1.13
N THR B 115 -20.40 18.59 1.12
CA THR B 115 -19.77 19.44 0.12
C THR B 115 -18.32 19.77 0.55
N VAL B 116 -17.41 19.67 -0.40
CA VAL B 116 -15.96 19.92 -0.25
C VAL B 116 -15.55 20.85 -1.38
N MET B 117 -14.66 21.79 -1.06
CA MET B 117 -13.95 22.63 -2.06
C MET B 117 -12.50 22.15 -2.13
N GLY B 118 -12.08 21.80 -3.35
CA GLY B 118 -10.70 21.44 -3.68
C GLY B 118 -10.25 22.17 -4.92
N MET B 119 -8.95 22.30 -5.10
CA MET B 119 -8.39 23.01 -6.25
C MET B 119 -8.72 22.24 -7.54
N ASP B 120 -9.05 22.98 -8.59
CA ASP B 120 -9.49 22.43 -9.89
C ASP B 120 -8.37 21.52 -10.44
N LEU B 121 -8.72 20.38 -11.01
CA LEU B 121 -7.78 19.37 -11.55
C LEU B 121 -6.92 20.02 -12.66
N SER B 122 -7.48 20.91 -13.47
CA SER B 122 -6.73 21.64 -14.54
C SER B 122 -5.72 22.62 -13.94
N ALA B 123 -5.87 23.04 -12.68
CA ALA B 123 -4.96 24.01 -12.03
C ALA B 123 -4.07 23.34 -10.98
N GLY B 124 -4.11 22.01 -10.84
CA GLY B 124 -3.15 21.25 -10.01
C GLY B 124 -3.79 20.47 -8.89
N GLY B 125 -5.13 20.45 -8.77
CA GLY B 125 -5.81 19.54 -7.83
C GLY B 125 -5.49 18.09 -8.16
N HIS B 126 -5.30 17.24 -7.17
CA HIS B 126 -5.12 15.77 -7.37
C HIS B 126 -6.46 15.11 -7.70
N LEU B 127 -6.42 13.94 -8.36
CA LEU B 127 -7.56 13.00 -8.52
C LEU B 127 -8.37 12.87 -7.20
N THR B 128 -7.68 12.71 -6.06
CA THR B 128 -8.33 12.49 -4.76
C THR B 128 -8.90 13.78 -4.18
N HIS B 129 -8.84 14.89 -4.92
CA HIS B 129 -9.46 16.18 -4.50
C HIS B 129 -10.72 16.40 -5.32
N GLY B 130 -11.41 15.35 -5.73
CA GLY B 130 -12.78 15.44 -6.28
C GLY B 130 -12.91 14.99 -7.72
N ALA B 131 -11.97 14.29 -8.34
CA ALA B 131 -12.21 13.79 -9.72
C ALA B 131 -13.45 12.93 -9.73
N PRO B 132 -14.31 13.00 -10.76
CA PRO B 132 -15.49 12.12 -10.82
C PRO B 132 -15.21 10.60 -10.93
N VAL B 133 -13.99 10.25 -11.30
CA VAL B 133 -13.52 8.83 -11.46
C VAL B 133 -12.81 8.34 -10.17
N SER B 134 -12.65 9.23 -9.20
CA SER B 134 -12.04 8.95 -7.89
C SER B 134 -13.15 8.66 -6.90
N PHE B 135 -12.84 7.89 -5.85
CA PHE B 135 -13.77 7.72 -4.70
C PHE B 135 -14.11 9.12 -4.16
N SER B 136 -13.19 10.08 -4.25
CA SER B 136 -13.40 11.44 -3.72
C SER B 136 -14.68 12.09 -4.35
N GLY B 137 -14.79 12.19 -5.68
CA GLY B 137 -15.95 12.78 -6.37
C GLY B 137 -17.15 11.88 -6.34
N LYS B 138 -16.96 10.56 -6.23
CA LYS B 138 -18.06 9.59 -6.15
C LYS B 138 -18.73 9.64 -4.78
N THR B 139 -18.02 9.95 -3.70
CA THR B 139 -18.60 9.90 -2.33
C THR B 139 -19.05 11.30 -1.91
N TYR B 140 -18.28 12.32 -2.25
CA TYR B 140 -18.45 13.66 -1.64
C TYR B 140 -18.75 14.63 -2.77
N ASN B 141 -19.49 15.67 -2.47
CA ASN B 141 -19.85 16.71 -3.49
C ASN B 141 -18.73 17.74 -3.59
N PHE B 142 -17.79 17.51 -4.50
CA PHE B 142 -16.61 18.37 -4.70
C PHE B 142 -16.96 19.49 -5.69
N VAL B 143 -16.61 20.70 -5.31
CA VAL B 143 -16.87 21.95 -6.08
C VAL B 143 -15.51 22.61 -6.12
N SER B 144 -14.96 22.85 -7.30
CA SER B 144 -13.57 23.33 -7.41
C SER B 144 -13.48 24.84 -7.24
N TYR B 145 -12.37 25.31 -6.69
CA TYR B 145 -11.85 26.69 -6.84
C TYR B 145 -10.71 26.61 -7.87
N ASN B 146 -10.44 27.72 -8.55
CA ASN B 146 -9.46 27.80 -9.66
C ASN B 146 -8.42 28.86 -9.30
N VAL B 147 -7.47 29.10 -10.18
CA VAL B 147 -6.52 30.24 -10.03
C VAL B 147 -7.13 31.42 -10.79
N ASP B 148 -6.63 32.64 -10.58
CA ASP B 148 -7.11 33.81 -11.36
C ASP B 148 -6.73 33.62 -12.84
N LYS B 149 -7.68 33.85 -13.74
CA LYS B 149 -7.58 33.63 -15.21
C LYS B 149 -6.35 34.38 -15.77
N GLU B 150 -5.98 35.58 -15.30
CA GLU B 150 -4.85 36.33 -15.93
C GLU B 150 -3.54 36.12 -15.17
N SER B 151 -3.53 36.28 -13.83
CA SER B 151 -2.33 36.13 -12.97
C SER B 151 -1.96 34.65 -12.80
N GLU B 152 -2.91 33.72 -13.00
CA GLU B 152 -2.76 32.26 -12.74
C GLU B 152 -2.26 32.04 -11.30
N LEU B 153 -2.55 32.97 -10.38
CA LEU B 153 -2.33 32.84 -8.93
C LEU B 153 -3.67 32.55 -8.24
N LEU B 154 -3.58 31.90 -7.09
CA LEU B 154 -4.76 31.74 -6.20
C LEU B 154 -5.19 33.13 -5.76
N ASP B 155 -6.47 33.43 -5.87
CA ASP B 155 -7.07 34.69 -5.40
C ASP B 155 -7.85 34.40 -4.10
N TYR B 156 -7.28 34.70 -2.95
CA TYR B 156 -7.87 34.32 -1.65
C TYR B 156 -9.19 35.08 -1.45
N ASP B 157 -9.41 36.21 -2.14
CA ASP B 157 -10.69 36.97 -2.02
C ASP B 157 -11.81 36.24 -2.76
N ALA B 158 -11.54 35.79 -4.00
CA ALA B 158 -12.47 35.06 -4.90
C ALA B 158 -12.83 33.72 -4.22
N ILE B 159 -11.84 33.10 -3.57
CA ILE B 159 -12.04 31.79 -2.91
C ILE B 159 -12.91 31.97 -1.68
N LEU B 160 -12.69 33.05 -0.89
CA LEU B 160 -13.53 33.36 0.31
C LEU B 160 -14.98 33.57 -0.13
N ALA B 161 -15.19 34.40 -1.16
CA ALA B 161 -16.51 34.71 -1.76
C ALA B 161 -17.15 33.39 -2.18
N GLN B 162 -16.42 32.53 -2.91
CA GLN B 162 -17.02 31.23 -3.36
C GLN B 162 -17.37 30.33 -2.16
N ALA B 163 -16.52 30.28 -1.12
CA ALA B 163 -16.74 29.45 0.09
C ALA B 163 -18.02 29.90 0.82
N LYS B 164 -18.28 31.22 0.87
CA LYS B 164 -19.48 31.79 1.52
C LYS B 164 -20.75 31.37 0.75
N GLU B 165 -20.70 31.22 -0.58
CA GLU B 165 -21.82 30.70 -1.38
C GLU B 165 -21.97 29.20 -1.17
N VAL B 166 -20.85 28.48 -1.24
CA VAL B 166 -20.87 26.99 -1.34
C VAL B 166 -21.11 26.42 0.06
N ARG B 167 -20.51 26.98 1.12
CA ARG B 167 -20.62 26.51 2.52
C ARG B 167 -20.06 25.09 2.64
N PRO B 168 -18.83 24.83 2.20
CA PRO B 168 -18.33 23.45 2.24
C PRO B 168 -18.16 23.06 3.72
N LYS B 169 -18.23 21.76 4.02
CA LYS B 169 -17.85 21.21 5.36
C LYS B 169 -16.32 21.18 5.46
N LEU B 170 -15.64 21.12 4.32
CA LEU B 170 -14.18 20.89 4.25
C LEU B 170 -13.63 21.64 3.05
N ILE B 171 -12.49 22.28 3.27
CA ILE B 171 -11.70 22.86 2.16
C ILE B 171 -10.39 22.09 2.10
N VAL B 172 -10.07 21.70 0.89
CA VAL B 172 -8.80 20.99 0.58
C VAL B 172 -7.92 21.97 -0.15
N ALA B 173 -6.69 22.19 0.36
CA ALA B 173 -5.65 22.94 -0.34
C ALA B 173 -4.42 22.07 -0.61
N GLY B 174 -3.60 22.46 -1.59
CA GLY B 174 -2.45 21.64 -2.03
C GLY B 174 -2.64 21.22 -3.47
N ALA B 175 -1.52 21.00 -4.18
CA ALA B 175 -1.54 20.85 -5.65
C ALA B 175 -0.36 20.04 -6.15
N SER B 176 -0.47 19.65 -7.40
CA SER B 176 0.48 18.84 -8.18
C SER B 176 1.16 19.69 -9.25
N ALA B 177 0.65 20.89 -9.52
CA ALA B 177 1.13 21.68 -10.69
C ALA B 177 1.10 23.20 -10.40
N TYR B 178 1.21 23.62 -9.14
CA TYR B 178 1.20 25.06 -8.76
C TYR B 178 2.59 25.45 -8.24
N SER B 179 3.15 26.42 -8.95
CA SER B 179 4.57 26.86 -8.89
C SER B 179 4.78 27.83 -7.74
N ARG B 180 3.71 28.39 -7.14
CA ARG B 180 3.83 29.50 -6.17
C ARG B 180 3.55 29.05 -4.73
N ILE B 181 3.90 29.94 -3.80
CA ILE B 181 3.73 29.73 -2.33
C ILE B 181 2.22 29.74 -2.05
N ILE B 182 1.71 28.67 -1.48
CA ILE B 182 0.27 28.65 -1.06
C ILE B 182 0.16 29.26 0.32
N ASP B 183 -0.79 30.17 0.51
CA ASP B 183 -0.93 30.88 1.81
C ASP B 183 -1.89 30.06 2.70
N PHE B 184 -1.34 29.17 3.51
CA PHE B 184 -2.10 28.31 4.43
C PHE B 184 -2.80 29.15 5.50
N ALA B 185 -2.22 30.28 5.91
CA ALA B 185 -2.86 31.16 6.92
C ALA B 185 -4.17 31.70 6.36
N LYS B 186 -4.19 32.05 5.08
CA LYS B 186 -5.40 32.55 4.40
C LYS B 186 -6.41 31.41 4.20
N PHE B 187 -5.92 30.22 3.88
CA PHE B 187 -6.84 29.07 3.71
C PHE B 187 -7.53 28.82 5.02
N ARG B 188 -6.82 28.84 6.15
CA ARG B 188 -7.46 28.64 7.47
C ARG B 188 -8.49 29.77 7.76
N GLU B 189 -8.22 30.99 7.34
CA GLU B 189 -9.14 32.14 7.54
C GLU B 189 -10.42 31.85 6.76
N ILE B 190 -10.28 31.40 5.51
CA ILE B 190 -11.43 31.12 4.62
C ILE B 190 -12.25 30.01 5.27
N ALA B 191 -11.58 28.95 5.69
CA ALA B 191 -12.29 27.84 6.35
C ALA B 191 -13.03 28.36 7.60
N ASP B 192 -12.35 29.14 8.44
CA ASP B 192 -12.92 29.65 9.73
C ASP B 192 -14.18 30.52 9.44
N ALA B 193 -14.13 31.33 8.40
CA ALA B 193 -15.19 32.25 7.99
C ALA B 193 -16.43 31.44 7.63
N VAL B 194 -16.32 30.16 7.23
CA VAL B 194 -17.52 29.34 6.90
C VAL B 194 -17.66 28.11 7.82
N GLY B 195 -16.90 28.00 8.90
CA GLY B 195 -16.98 26.86 9.85
C GLY B 195 -16.52 25.51 9.23
N ALA B 196 -15.80 25.55 8.12
CA ALA B 196 -15.21 24.35 7.45
C ALA B 196 -13.94 23.90 8.17
N TYR B 197 -13.65 22.60 8.04
CA TYR B 197 -12.31 22.05 8.34
C TYR B 197 -11.38 22.50 7.22
N LEU B 198 -10.07 22.60 7.48
CA LEU B 198 -9.09 22.77 6.36
C LEU B 198 -8.17 21.57 6.36
N MET B 199 -8.14 20.86 5.24
CA MET B 199 -7.18 19.76 5.04
C MET B 199 -6.18 20.30 4.02
N VAL B 200 -4.89 20.16 4.30
CA VAL B 200 -3.81 20.40 3.31
C VAL B 200 -3.13 19.10 2.92
N ASP B 201 -3.17 18.81 1.61
CA ASP B 201 -2.39 17.75 0.98
C ASP B 201 -1.07 18.38 0.47
N MET B 202 0.00 18.25 1.25
CA MET B 202 1.33 18.86 0.96
C MET B 202 2.24 17.87 0.26
N ALA B 203 1.71 16.87 -0.43
CA ALA B 203 2.53 15.81 -1.05
C ALA B 203 3.70 16.40 -1.88
N HIS B 204 3.43 17.34 -2.78
CA HIS B 204 4.49 17.82 -3.71
C HIS B 204 5.57 18.58 -2.93
N ILE B 205 5.16 19.27 -1.86
CA ILE B 205 5.98 20.30 -1.19
C ILE B 205 6.48 19.87 0.18
N ALA B 206 6.24 18.62 0.62
CA ALA B 206 6.57 18.22 2.02
C ALA B 206 8.09 18.33 2.29
N GLY B 207 8.93 18.03 1.30
CA GLY B 207 10.41 18.20 1.45
C GLY B 207 10.80 19.66 1.66
N LEU B 208 10.18 20.55 0.90
CA LEU B 208 10.42 21.99 1.02
C LEU B 208 9.86 22.48 2.35
N VAL B 209 8.73 21.94 2.83
CA VAL B 209 8.22 22.27 4.17
C VAL B 209 9.28 21.83 5.18
N ALA B 210 9.82 20.64 4.99
CA ALA B 210 10.74 20.02 5.96
C ALA B 210 12.08 20.76 5.93
N SER B 211 12.48 21.30 4.77
CA SER B 211 13.79 22.01 4.62
C SER B 211 13.72 23.48 5.07
N GLY B 212 12.52 24.05 5.25
CA GLY B 212 12.38 25.50 5.55
C GLY B 212 12.09 26.37 4.33
N HIS B 213 12.01 25.82 3.11
CA HIS B 213 11.88 26.59 1.86
C HIS B 213 10.41 26.83 1.48
N HIS B 214 9.44 26.28 2.22
CA HIS B 214 7.97 26.55 2.01
C HIS B 214 7.37 26.63 3.39
N PRO B 215 6.58 27.69 3.68
CA PRO B 215 5.91 27.80 4.97
C PRO B 215 5.01 26.56 5.18
N SER B 216 4.95 26.11 6.42
CA SER B 216 4.29 24.83 6.81
C SER B 216 2.80 25.06 6.88
N PRO B 217 1.98 24.10 6.39
CA PRO B 217 0.53 24.15 6.60
C PRO B 217 0.17 23.64 8.00
N VAL B 218 1.13 23.06 8.70
CA VAL B 218 0.78 22.18 9.84
C VAL B 218 0.13 22.99 10.96
N PRO B 219 0.59 24.23 11.24
CA PRO B 219 -0.08 25.06 12.22
C PRO B 219 -1.50 25.52 11.80
N TYR B 220 -1.85 25.51 10.52
CA TYR B 220 -3.07 26.14 9.97
C TYR B 220 -4.12 25.09 9.59
N ALA B 221 -3.72 23.92 9.10
CA ALA B 221 -4.68 22.88 8.64
C ALA B 221 -5.14 22.12 9.87
N HIS B 222 -6.42 21.78 9.97
CA HIS B 222 -6.87 20.84 11.02
C HIS B 222 -6.12 19.52 10.81
N VAL B 223 -5.94 19.12 9.55
CA VAL B 223 -5.19 17.89 9.19
C VAL B 223 -4.33 18.16 7.97
N THR B 224 -3.09 17.66 8.01
CA THR B 224 -2.17 17.67 6.85
C THR B 224 -1.93 16.23 6.45
N THR B 225 -2.06 15.95 5.17
CA THR B 225 -1.70 14.68 4.55
C THR B 225 -0.47 14.93 3.66
N THR B 226 0.26 13.89 3.37
CA THR B 226 1.40 13.93 2.44
C THR B 226 1.74 12.51 1.99
N THR B 227 2.34 12.40 0.83
CA THR B 227 3.18 11.23 0.43
C THR B 227 4.49 11.31 1.23
N THR B 228 5.11 10.18 1.50
CA THR B 228 6.48 10.11 2.05
C THR B 228 7.48 10.23 0.87
N HIS B 229 7.09 9.89 -0.34
CA HIS B 229 7.81 10.14 -1.60
C HIS B 229 7.54 11.58 -2.10
N LYS B 230 8.18 11.91 -3.24
CA LYS B 230 8.27 13.25 -3.89
C LYS B 230 9.38 14.06 -3.17
N THR B 231 9.15 15.31 -2.83
CA THR B 231 10.26 16.20 -2.38
C THR B 231 10.81 15.70 -1.06
N LEU B 232 10.01 14.98 -0.25
CA LEU B 232 10.48 14.47 1.06
C LEU B 232 11.49 13.34 0.83
N ARG B 233 11.55 12.72 -0.36
CA ARG B 233 12.63 11.76 -0.76
C ARG B 233 12.56 10.46 0.07
N GLY B 234 11.34 10.06 0.39
CA GLY B 234 11.06 8.83 1.11
C GLY B 234 10.57 7.72 0.20
N PRO B 235 10.24 6.58 0.84
CA PRO B 235 9.61 5.47 0.13
C PRO B 235 8.17 5.92 -0.25
N ARG B 236 7.56 5.19 -1.17
CA ARG B 236 6.15 5.43 -1.55
C ARG B 236 5.22 5.02 -0.41
N GLY B 237 4.35 5.95 -0.02
CA GLY B 237 3.43 5.77 1.13
C GLY B 237 2.84 7.09 1.53
N GLY B 238 1.96 7.06 2.52
CA GLY B 238 1.29 8.23 3.06
C GLY B 238 1.64 8.47 4.48
N LEU B 239 1.19 9.62 4.93
CA LEU B 239 1.41 10.12 6.30
C LEU B 239 0.32 11.16 6.58
N ILE B 240 -0.14 11.18 7.82
CA ILE B 240 -1.19 12.11 8.27
C ILE B 240 -0.69 12.74 9.58
N LEU B 241 -0.86 14.06 9.68
CA LEU B 241 -0.44 14.92 10.81
C LEU B 241 -1.64 15.69 11.32
N THR B 242 -1.76 15.84 12.64
CA THR B 242 -2.71 16.79 13.25
C THR B 242 -2.18 17.21 14.61
N ASP B 243 -2.66 18.36 15.07
CA ASP B 243 -2.44 18.87 16.44
C ASP B 243 -3.65 18.57 17.33
N ASP B 244 -4.78 18.13 16.77
CA ASP B 244 -6.06 17.92 17.53
C ASP B 244 -6.17 16.46 17.99
N GLU B 245 -6.24 16.23 19.29
CA GLU B 245 -6.20 14.88 19.87
C GLU B 245 -7.45 14.05 19.49
N ASP B 246 -8.63 14.67 19.49
CA ASP B 246 -9.90 13.98 19.11
C ASP B 246 -9.88 13.66 17.62
N ILE B 247 -9.31 14.53 16.78
CA ILE B 247 -9.26 14.24 15.32
C ILE B 247 -8.28 13.07 15.14
N ALA B 248 -7.16 13.09 15.88
CA ALA B 248 -6.13 12.02 15.84
C ALA B 248 -6.75 10.65 16.09
N LYS B 249 -7.60 10.51 17.11
CA LYS B 249 -8.30 9.25 17.43
C LYS B 249 -9.10 8.81 16.18
N LYS B 250 -9.85 9.75 15.58
CA LYS B 250 -10.74 9.44 14.42
C LYS B 250 -9.87 9.01 13.25
N LEU B 251 -8.78 9.74 12.98
CA LEU B 251 -7.82 9.44 11.89
C LEU B 251 -7.27 8.03 12.08
N ASN B 252 -6.83 7.70 13.27
CA ASN B 252 -6.30 6.34 13.54
C ASN B 252 -7.35 5.26 13.24
N SER B 253 -8.59 5.40 13.74
CA SER B 253 -9.71 4.47 13.48
C SER B 253 -10.00 4.41 11.96
N ALA B 254 -9.95 5.55 11.27
CA ALA B 254 -10.26 5.61 9.82
C ALA B 254 -9.21 4.81 9.02
N VAL B 255 -7.93 4.95 9.39
CA VAL B 255 -6.86 4.24 8.63
C VAL B 255 -7.00 2.75 8.89
N PHE B 256 -7.26 2.35 10.14
CA PHE B 256 -7.36 0.93 10.52
C PHE B 256 -8.21 0.83 11.76
N PRO B 257 -9.33 0.07 11.80
CA PRO B 257 -9.81 -0.80 10.71
C PRO B 257 -10.72 -0.19 9.64
N GLY B 258 -10.81 1.14 9.61
CA GLY B 258 -11.73 1.80 8.64
C GLY B 258 -11.42 1.46 7.18
N LEU B 259 -10.20 1.73 6.72
CA LEU B 259 -9.87 1.68 5.28
C LEU B 259 -8.89 0.56 4.98
N GLN B 260 -7.89 0.37 5.82
CA GLN B 260 -6.76 -0.57 5.59
C GLN B 260 -6.88 -1.72 6.55
N GLY B 261 -6.08 -2.73 6.25
CA GLY B 261 -5.78 -3.84 7.17
C GLY B 261 -4.39 -3.67 7.78
N GLY B 262 -3.55 -4.69 7.61
CA GLY B 262 -2.20 -4.72 8.18
C GLY B 262 -1.35 -3.68 7.45
N PRO B 263 -0.56 -2.86 8.17
CA PRO B 263 0.34 -1.92 7.51
C PRO B 263 1.63 -2.58 6.99
N LEU B 264 2.32 -1.88 6.11
CA LEU B 264 3.57 -2.34 5.50
C LEU B 264 4.74 -1.88 6.42
N GLU B 265 5.11 -2.69 7.40
CA GLU B 265 6.08 -2.26 8.46
C GLU B 265 7.50 -2.11 7.88
N HIS B 266 7.82 -2.82 6.79
CA HIS B 266 9.10 -2.64 6.05
C HIS B 266 9.08 -1.24 5.44
N VAL B 267 7.93 -0.81 4.90
CA VAL B 267 7.84 0.54 4.30
C VAL B 267 7.89 1.59 5.41
N ILE B 268 7.20 1.37 6.53
CA ILE B 268 7.24 2.29 7.70
C ILE B 268 8.68 2.41 8.23
N ALA B 269 9.47 1.34 8.27
CA ALA B 269 10.91 1.44 8.63
C ALA B 269 11.60 2.40 7.64
N ALA B 270 11.30 2.26 6.36
CA ALA B 270 11.83 3.16 5.31
C ALA B 270 11.34 4.59 5.49
N LYS B 271 10.11 4.82 5.99
CA LYS B 271 9.61 6.18 6.31
C LYS B 271 10.50 6.73 7.41
N ALA B 272 10.70 5.93 8.46
CA ALA B 272 11.49 6.31 9.63
C ALA B 272 12.93 6.63 9.14
N VAL B 273 13.45 5.88 8.17
CA VAL B 273 14.82 6.20 7.65
C VAL B 273 14.78 7.59 7.02
N ALA B 274 13.80 7.84 6.13
CA ALA B 274 13.69 9.05 5.29
C ALA B 274 13.41 10.26 6.18
N LEU B 275 12.69 10.07 7.28
CA LEU B 275 12.36 11.22 8.13
C LEU B 275 13.64 11.64 8.88
N LYS B 276 14.46 10.69 9.36
CA LYS B 276 15.76 10.97 10.01
C LYS B 276 16.66 11.67 8.96
N GLU B 277 16.66 11.25 7.71
CA GLU B 277 17.43 12.00 6.67
C GLU B 277 16.96 13.47 6.55
N ALA B 278 15.65 13.76 6.59
CA ALA B 278 15.05 15.11 6.38
C ALA B 278 15.32 16.00 7.60
N LEU B 279 15.52 15.38 8.76
CA LEU B 279 15.84 16.03 10.06
C LEU B 279 17.31 16.49 10.07
N ASP B 280 18.14 15.96 9.19
CA ASP B 280 19.59 16.30 9.14
C ASP B 280 19.79 17.67 8.49
N PRO B 281 20.69 18.52 9.07
CA PRO B 281 21.14 19.77 8.44
C PRO B 281 21.43 19.69 6.94
N ALA B 282 21.97 18.58 6.42
CA ALA B 282 22.16 18.42 4.95
C ALA B 282 20.86 18.61 4.18
N PHE B 283 19.72 18.28 4.78
CA PHE B 283 18.42 18.33 4.03
C PHE B 283 18.07 19.79 3.66
N LYS B 284 18.38 20.77 4.52
CA LYS B 284 18.20 22.24 4.25
C LYS B 284 18.94 22.58 2.96
N GLU B 285 20.15 22.05 2.84
CA GLU B 285 21.02 22.26 1.65
C GLU B 285 20.34 21.67 0.44
N TYR B 286 19.76 20.48 0.58
CA TYR B 286 18.99 19.84 -0.52
C TYR B 286 17.88 20.79 -0.98
N GLY B 287 17.06 21.28 -0.05
CA GLY B 287 15.91 22.12 -0.41
C GLY B 287 16.36 23.38 -1.13
N GLU B 288 17.45 23.99 -0.66
CA GLU B 288 18.07 25.19 -1.30
C GLU B 288 18.38 24.86 -2.75
N ASN B 289 19.06 23.76 -3.02
CA ASN B 289 19.40 23.46 -4.44
C ASN B 289 18.15 23.16 -5.23
N VAL B 290 17.15 22.52 -4.59
CA VAL B 290 15.90 22.21 -5.32
C VAL B 290 15.36 23.55 -5.82
N ILE B 291 15.23 24.55 -4.95
CA ILE B 291 14.61 25.87 -5.36
C ILE B 291 15.44 26.52 -6.47
N LYS B 292 16.77 26.55 -6.27
CA LYS B 292 17.72 27.19 -7.22
C LYS B 292 17.60 26.53 -8.58
N ASN B 293 17.64 25.18 -8.59
CA ASN B 293 17.67 24.38 -9.84
C ASN B 293 16.38 24.64 -10.60
N ALA B 294 15.24 24.68 -9.90
CA ALA B 294 13.93 24.86 -10.57
C ALA B 294 13.88 26.24 -11.24
N ALA B 295 14.24 27.31 -10.51
CA ALA B 295 14.29 28.75 -10.96
C ALA B 295 15.22 28.89 -12.18
N ALA B 296 16.41 28.28 -12.13
CA ALA B 296 17.38 28.25 -13.26
C ALA B 296 16.70 27.68 -14.51
N MET B 297 16.01 26.53 -14.41
CA MET B 297 15.33 25.97 -15.61
C MET B 297 14.19 26.92 -16.03
N ALA B 298 13.42 27.43 -15.08
CA ALA B 298 12.25 28.28 -15.37
C ALA B 298 12.75 29.53 -16.12
N ASP B 299 13.84 30.11 -15.64
CA ASP B 299 14.42 31.36 -16.16
C ASP B 299 14.80 31.19 -17.65
N VAL B 300 15.29 30.02 -18.08
CA VAL B 300 15.61 29.70 -19.51
C VAL B 300 14.34 29.84 -20.36
N PHE B 301 13.18 29.35 -19.91
CA PHE B 301 11.91 29.39 -20.70
C PHE B 301 11.31 30.79 -20.64
N ASN B 302 11.52 31.46 -19.50
CA ASN B 302 10.98 32.83 -19.27
C ASN B 302 11.55 33.72 -20.39
N GLN B 303 12.89 33.67 -20.57
CA GLN B 303 13.71 34.54 -21.46
C GLN B 303 13.47 34.12 -22.90
N HIS B 304 13.41 32.84 -23.21
CA HIS B 304 13.04 32.46 -24.59
C HIS B 304 11.67 33.04 -24.93
N PRO B 305 11.52 33.69 -26.11
CA PRO B 305 10.27 34.34 -26.48
C PRO B 305 9.16 33.38 -26.90
N ASP B 306 9.48 32.14 -27.30
CA ASP B 306 8.46 31.19 -27.85
C ASP B 306 7.80 30.37 -26.73
N PHE B 307 8.18 30.57 -25.46
CA PHE B 307 7.67 29.81 -24.29
C PHE B 307 7.19 30.79 -23.23
N ARG B 308 6.01 30.49 -22.66
CA ARG B 308 5.47 31.10 -21.42
C ARG B 308 5.50 30.09 -20.27
N VAL B 309 6.20 30.43 -19.19
CA VAL B 309 6.07 29.76 -17.86
C VAL B 309 4.76 30.23 -17.22
N ILE B 310 3.91 29.27 -16.83
CA ILE B 310 2.60 29.52 -16.18
C ILE B 310 2.87 30.32 -14.90
N SER B 311 2.07 31.35 -14.66
CA SER B 311 2.20 32.24 -13.49
C SER B 311 3.51 33.07 -13.58
N GLY B 312 4.28 32.89 -14.66
CA GLY B 312 5.49 33.69 -14.96
C GLY B 312 6.76 33.19 -14.29
N GLY B 313 6.70 32.16 -13.43
CA GLY B 313 7.87 31.65 -12.72
C GLY B 313 7.51 30.64 -11.63
N THR B 314 8.39 30.37 -10.70
CA THR B 314 8.18 29.36 -9.64
C THR B 314 8.87 29.86 -8.39
N ASN B 315 8.34 29.53 -7.22
CA ASN B 315 8.93 29.69 -5.87
C ASN B 315 9.12 28.29 -5.24
N ASN B 316 9.01 27.21 -6.01
CA ASN B 316 9.07 25.81 -5.48
C ASN B 316 9.87 24.93 -6.46
N HIS B 317 9.60 23.62 -6.48
CA HIS B 317 10.46 22.61 -7.15
C HIS B 317 10.02 22.48 -8.61
N LEU B 318 8.94 23.14 -8.98
CA LEU B 318 8.35 22.82 -10.28
C LEU B 318 7.86 24.09 -10.97
N PHE B 319 7.49 23.93 -12.24
CA PHE B 319 6.79 24.92 -13.09
C PHE B 319 6.22 24.22 -14.31
N LEU B 320 5.28 24.90 -14.96
CA LEU B 320 4.61 24.46 -16.22
C LEU B 320 5.11 25.36 -17.37
N VAL B 321 5.13 24.84 -18.60
CA VAL B 321 5.46 25.66 -19.80
C VAL B 321 4.38 25.42 -20.85
N ASP B 322 3.78 26.51 -21.36
CA ASP B 322 2.93 26.46 -22.56
C ASP B 322 3.89 26.28 -23.72
N VAL B 323 3.76 25.20 -24.49
CA VAL B 323 4.75 24.84 -25.53
C VAL B 323 4.11 24.98 -26.92
N THR B 324 2.87 25.48 -27.03
CA THR B 324 2.02 25.29 -28.22
C THR B 324 2.53 26.16 -29.39
N LYS B 325 3.37 27.16 -29.11
CA LYS B 325 3.99 27.99 -30.16
C LYS B 325 5.00 27.14 -30.92
N VAL B 326 5.68 26.24 -30.21
CA VAL B 326 6.87 25.53 -30.74
C VAL B 326 6.46 24.14 -31.24
N VAL B 327 5.52 23.48 -30.55
CA VAL B 327 4.98 22.15 -30.96
C VAL B 327 3.48 22.13 -30.70
N GLU B 328 2.78 21.16 -31.27
CA GLU B 328 1.31 21.18 -31.37
C GLU B 328 0.70 21.11 -29.96
N ASN B 329 1.23 20.23 -29.11
CA ASN B 329 0.65 19.99 -27.76
C ASN B 329 1.69 19.40 -26.80
N GLY B 330 1.44 19.52 -25.48
CA GLY B 330 2.26 18.95 -24.40
C GLY B 330 2.66 17.50 -24.66
N LYS B 331 1.75 16.69 -25.22
CA LYS B 331 1.98 15.26 -25.53
C LYS B 331 3.16 15.17 -26.51
N VAL B 332 3.16 16.00 -27.56
CA VAL B 332 4.26 15.97 -28.58
C VAL B 332 5.56 16.38 -27.88
N ALA B 333 5.51 17.40 -27.03
CA ALA B 333 6.68 17.91 -26.31
C ALA B 333 7.28 16.76 -25.50
N GLN B 334 6.43 15.98 -24.82
CA GLN B 334 6.87 14.83 -23.97
C GLN B 334 7.62 13.82 -24.85
N ASN B 335 7.00 13.40 -25.98
CA ASN B 335 7.53 12.38 -26.95
C ASN B 335 8.88 12.86 -27.51
N VAL B 336 8.98 14.14 -27.88
CA VAL B 336 10.24 14.70 -28.44
C VAL B 336 11.35 14.55 -27.39
N LEU B 337 11.19 15.16 -26.22
CA LEU B 337 12.18 15.12 -25.10
C LEU B 337 12.51 13.66 -24.70
N GLU B 338 11.57 12.72 -24.80
CA GLU B 338 11.80 11.26 -24.61
C GLU B 338 12.93 10.81 -25.57
N GLU B 339 12.93 11.27 -26.83
CA GLU B 339 13.97 10.90 -27.84
C GLU B 339 15.37 11.44 -27.49
N VAL B 340 15.50 12.43 -26.61
CA VAL B 340 16.84 12.86 -26.12
C VAL B 340 17.06 12.40 -24.67
N ASN B 341 16.34 11.37 -24.19
CA ASN B 341 16.51 10.82 -22.80
C ASN B 341 16.29 11.91 -21.72
N ILE B 342 15.33 12.82 -21.93
CA ILE B 342 14.77 13.70 -20.87
C ILE B 342 13.30 13.29 -20.65
N THR B 343 12.94 12.87 -19.42
CA THR B 343 11.53 12.51 -19.07
C THR B 343 10.92 13.63 -18.24
N LEU B 344 9.82 14.12 -18.79
CA LEU B 344 8.83 14.92 -18.02
C LEU B 344 7.43 14.47 -18.46
N ASN B 345 6.40 15.22 -18.09
CA ASN B 345 5.04 14.81 -18.48
C ASN B 345 4.38 16.01 -19.12
N LYS B 346 3.57 15.71 -20.13
CA LYS B 346 2.46 16.59 -20.59
C LYS B 346 1.65 16.97 -19.35
N ASN B 347 1.10 18.17 -19.37
CA ASN B 347 0.35 18.67 -18.21
C ASN B 347 -0.60 19.73 -18.73
N SER B 348 -1.86 19.60 -18.40
CA SER B 348 -2.84 20.71 -18.53
C SER B 348 -2.29 21.98 -17.87
N ILE B 349 -2.54 23.12 -18.51
CA ILE B 349 -2.25 24.46 -17.90
C ILE B 349 -3.59 24.97 -17.40
N PRO B 350 -3.62 25.98 -16.50
CA PRO B 350 -4.84 26.68 -16.13
C PRO B 350 -5.72 27.04 -17.33
N TYR B 351 -7.04 26.85 -17.17
CA TYR B 351 -8.10 27.02 -18.18
C TYR B 351 -7.67 26.30 -19.46
N GLU B 352 -7.04 25.14 -19.29
CA GLU B 352 -6.67 24.27 -20.44
C GLU B 352 -7.83 24.28 -21.44
N GLN B 353 -7.50 24.50 -22.71
CA GLN B 353 -8.44 24.60 -23.85
C GLN B 353 -8.30 23.34 -24.72
N LEU B 354 -7.16 22.61 -24.70
CA LEU B 354 -6.96 21.37 -25.54
C LEU B 354 -7.45 20.14 -24.78
N SER B 355 -7.51 18.99 -25.46
CA SER B 355 -7.93 17.68 -24.92
C SER B 355 -7.04 17.35 -23.71
N PRO B 356 -7.58 16.86 -22.57
CA PRO B 356 -6.72 16.57 -21.42
C PRO B 356 -5.69 15.48 -21.77
N PHE B 357 -5.87 14.74 -22.87
CA PHE B 357 -4.95 13.69 -23.40
C PHE B 357 -3.79 14.31 -24.20
N LYS B 358 -3.91 15.59 -24.58
CA LYS B 358 -2.92 16.32 -25.42
C LYS B 358 -2.29 17.47 -24.61
N THR B 359 -3.13 18.38 -24.09
CA THR B 359 -2.74 19.49 -23.18
C THR B 359 -1.85 20.52 -23.89
N SER B 360 -1.69 21.70 -23.29
CA SER B 360 -0.85 22.79 -23.83
C SER B 360 0.52 22.82 -23.14
N GLY B 361 0.72 21.97 -22.13
CA GLY B 361 1.79 22.21 -21.14
C GLY B 361 2.77 21.06 -20.98
N ILE B 362 3.92 21.36 -20.41
CA ILE B 362 4.82 20.33 -19.84
C ILE B 362 5.02 20.75 -18.40
N ARG B 363 5.18 19.77 -17.51
CA ARG B 363 5.59 20.06 -16.13
C ARG B 363 7.03 19.63 -15.91
N VAL B 364 7.81 20.47 -15.25
CA VAL B 364 9.24 20.25 -15.02
C VAL B 364 9.47 20.42 -13.54
N GLY B 365 10.25 19.52 -12.93
CA GLY B 365 10.74 19.73 -11.56
C GLY B 365 12.21 19.43 -11.45
N SER B 366 12.82 19.97 -10.40
CA SER B 366 14.24 19.82 -10.02
C SER B 366 14.57 18.71 -9.01
N PRO B 367 13.67 18.10 -8.21
CA PRO B 367 14.16 17.28 -7.09
C PRO B 367 15.07 16.13 -7.52
N ALA B 368 14.74 15.42 -8.59
CA ALA B 368 15.50 14.20 -8.95
C ALA B 368 16.93 14.56 -9.40
N ILE B 369 17.07 15.56 -10.30
CA ILE B 369 18.39 16.04 -10.81
C ILE B 369 19.14 16.62 -9.63
N THR B 370 18.46 17.31 -8.70
CA THR B 370 19.11 17.89 -7.50
C THR B 370 19.63 16.75 -6.64
N SER B 371 18.91 15.64 -6.56
CA SER B 371 19.36 14.53 -5.70
C SER B 371 20.53 13.82 -6.39
N ARG B 372 20.63 13.89 -7.72
CA ARG B 372 21.82 13.33 -8.42
C ARG B 372 23.02 14.27 -8.31
N GLY B 373 22.88 15.41 -7.61
CA GLY B 373 24.00 16.31 -7.30
C GLY B 373 24.18 17.40 -8.34
N MET B 374 23.30 17.50 -9.33
CA MET B 374 23.33 18.61 -10.31
C MET B 374 23.06 19.99 -9.65
N GLY B 375 23.59 21.04 -10.30
CA GLY B 375 23.55 22.44 -9.84
C GLY B 375 22.86 23.32 -10.86
N GLU B 376 22.84 24.66 -10.62
CA GLU B 376 22.17 25.68 -11.49
C GLU B 376 22.74 25.62 -12.91
N ALA B 377 24.06 25.42 -13.03
CA ALA B 377 24.75 25.28 -14.34
C ALA B 377 24.13 24.12 -15.13
N GLU B 378 24.10 22.90 -14.56
CA GLU B 378 23.53 21.71 -15.26
C GLU B 378 22.01 21.93 -15.50
N SER B 379 21.28 22.50 -14.54
CA SER B 379 19.83 22.80 -14.72
C SER B 379 19.63 23.75 -15.91
N ARG B 380 20.37 24.86 -15.95
CA ARG B 380 20.29 25.85 -17.06
C ARG B 380 20.54 25.06 -18.34
N GLN B 381 21.59 24.20 -18.33
CA GLN B 381 22.04 23.43 -19.51
C GLN B 381 20.90 22.51 -19.98
N ILE B 382 20.22 21.84 -19.02
CA ILE B 382 19.15 20.87 -19.36
C ILE B 382 18.02 21.65 -20.03
N ALA B 383 17.65 22.80 -19.47
CA ALA B 383 16.56 23.61 -20.02
C ALA B 383 16.93 24.11 -21.44
N GLU B 384 18.21 24.50 -21.66
CA GLU B 384 18.67 24.92 -23.03
C GLU B 384 18.42 23.73 -23.97
N TRP B 385 18.79 22.51 -23.54
CA TRP B 385 18.65 21.28 -24.36
C TRP B 385 17.17 21.05 -24.68
N MET B 386 16.30 21.38 -23.73
CA MET B 386 14.85 21.14 -23.92
C MET B 386 14.35 22.10 -25.02
N VAL B 387 14.67 23.39 -24.90
CA VAL B 387 14.30 24.46 -25.90
C VAL B 387 14.76 24.00 -27.29
N GLU B 388 16.02 23.58 -27.37
CA GLU B 388 16.70 23.18 -28.62
C GLU B 388 16.04 21.94 -29.25
N ALA B 389 15.69 20.94 -28.44
CA ALA B 389 15.06 19.68 -28.94
C ALA B 389 13.68 20.01 -29.49
N LEU B 390 12.94 20.91 -28.84
CA LEU B 390 11.53 21.22 -29.21
C LEU B 390 11.52 22.10 -30.48
N GLU B 391 12.40 23.12 -30.51
CA GLU B 391 12.68 23.99 -31.69
C GLU B 391 13.08 23.10 -32.88
N ASN B 392 13.81 22.01 -32.67
CA ASN B 392 14.36 21.15 -33.76
C ASN B 392 13.71 19.76 -33.75
N HIS B 393 12.42 19.69 -33.41
CA HIS B 393 11.72 18.41 -33.17
C HIS B 393 11.73 17.55 -34.44
N ASP B 394 11.79 18.17 -35.63
CA ASP B 394 11.72 17.43 -36.93
C ASP B 394 13.11 17.22 -37.53
N LYS B 395 14.20 17.75 -36.93
CA LYS B 395 15.61 17.59 -37.41
C LYS B 395 16.30 16.45 -36.65
N PRO B 396 16.15 15.17 -37.09
CA PRO B 396 16.53 14.02 -36.28
C PRO B 396 17.99 14.08 -35.82
N GLU B 397 18.87 14.65 -36.63
CA GLU B 397 20.32 14.61 -36.31
C GLU B 397 20.62 15.69 -35.25
N VAL B 398 19.72 16.64 -34.97
CA VAL B 398 19.93 17.59 -33.83
C VAL B 398 19.60 16.84 -32.52
N LEU B 399 18.47 16.10 -32.50
CA LEU B 399 18.06 15.24 -31.34
C LEU B 399 19.20 14.27 -31.01
N GLU B 400 19.63 13.49 -32.01
CA GLU B 400 20.88 12.67 -32.01
C GLU B 400 21.99 13.38 -31.24
N ARG B 401 22.24 14.66 -31.51
CA ARG B 401 23.40 15.34 -30.91
C ARG B 401 23.09 15.68 -29.44
N ILE B 402 21.87 16.14 -29.16
CA ILE B 402 21.46 16.43 -27.75
C ILE B 402 21.55 15.13 -26.94
N ARG B 403 21.11 14.00 -27.51
CA ARG B 403 21.15 12.70 -26.81
C ARG B 403 22.58 12.44 -26.34
N GLY B 404 23.57 12.74 -27.20
CA GLY B 404 24.99 12.50 -26.90
C GLY B 404 25.48 13.41 -25.80
N ASP B 405 25.10 14.68 -25.87
CA ASP B 405 25.41 15.71 -24.83
C ASP B 405 24.77 15.26 -23.49
N VAL B 406 23.54 14.72 -23.51
CA VAL B 406 22.79 14.26 -22.29
C VAL B 406 23.61 13.14 -21.64
N LYS B 407 24.05 12.17 -22.45
CA LYS B 407 24.84 11.00 -22.00
C LYS B 407 26.09 11.46 -21.27
N VAL B 408 26.77 12.51 -21.75
CA VAL B 408 28.01 13.01 -21.08
C VAL B 408 27.64 13.51 -19.69
N LEU B 409 26.52 14.23 -19.59
CA LEU B 409 25.98 14.77 -18.29
C LEU B 409 25.59 13.61 -17.35
N THR B 410 24.85 12.61 -17.83
CA THR B 410 24.37 11.51 -16.94
C THR B 410 25.57 10.68 -16.44
N ASP B 411 26.51 10.36 -17.35
CA ASP B 411 27.79 9.68 -17.03
C ASP B 411 28.52 10.48 -15.97
N ALA B 412 28.44 11.80 -16.02
CA ALA B 412 29.14 12.70 -15.07
C ALA B 412 28.48 12.69 -13.69
N PHE B 413 27.15 12.48 -13.63
CA PHE B 413 26.38 12.52 -12.35
C PHE B 413 25.74 11.15 -12.11
N PRO B 414 26.53 10.11 -11.77
CA PRO B 414 25.97 8.76 -11.65
C PRO B 414 24.84 8.75 -10.61
N LEU B 415 23.76 8.02 -10.89
CA LEU B 415 22.54 7.97 -10.03
C LEU B 415 22.88 7.34 -8.68
N TYR B 416 23.56 6.20 -8.72
CA TYR B 416 24.10 5.49 -7.53
C TYR B 416 25.46 4.94 -7.96
C1 GOL C . -21.79 -31.73 -1.40
O1 GOL C . -22.70 -31.03 -2.25
C2 GOL C . -21.94 -31.28 0.06
O2 GOL C . -21.09 -32.06 0.91
C3 GOL C . -21.58 -29.83 0.26
O3 GOL C . -20.26 -29.52 -0.20
N1 2BO D . -8.75 -11.00 3.48
C2 2BO D . -8.64 -12.10 4.25
C2A 2BO D . -9.53 -13.26 4.02
C3 2BO D . -7.58 -12.22 5.16
O3 2BO D . -7.37 -13.32 5.94
C4 2BO D . -6.70 -11.20 5.34
C4A 2BO D . -5.70 -11.35 6.46
C5 2BO D . -6.84 -10.03 4.60
C5A 2BO D . -5.93 -8.91 4.98
C6 2BO D . -7.89 -9.97 3.68
P 2BO D . -4.58 -6.78 4.41
O1P 2BO D . -5.38 -5.54 4.06
O2P 2BO D . -3.43 -7.05 3.39
O3P 2BO D . -4.15 -6.80 5.90
O4P 2BO D . -5.82 -7.80 4.09
N 2BO D . -6.44 -11.28 7.79
CA 2BO D . -5.43 -11.85 8.70
CB 2BO D . -4.77 -10.87 9.67
OB 2BO D . -5.70 -9.80 9.89
C 2BO D . -5.77 -13.11 9.50
O 2BO D . -5.00 -13.96 9.32
OT 2BO D . -6.62 -13.09 10.40
CG 2BO D . -3.39 -10.54 9.15
NA NA E . -1.83 -16.22 0.50
N1 2BO F . -1.66 14.01 -3.39
C2 2BO F . -1.02 14.88 -4.18
C2A 2BO F . -1.23 16.35 -4.01
C3 2BO F . -0.08 14.44 -5.10
O3 2BO F . 0.64 15.28 -5.90
C4 2BO F . 0.16 13.11 -5.29
C4A 2BO F . 1.18 12.69 -6.37
C5 2BO F . -0.52 12.19 -4.50
C5A 2BO F . -0.28 10.74 -4.77
C6 2BO F . -1.46 12.70 -3.59
P 2BO F . -0.48 8.19 -4.32
O1P 2BO F . -0.13 8.06 -5.78
O2P 2BO F . 0.71 7.88 -3.40
O3P 2BO F . -1.81 7.50 -3.96
O4P 2BO F . -0.87 9.75 -3.91
N 2BO F . 0.54 12.73 -7.70
CA 2BO F . 1.61 12.79 -8.71
CB 2BO F . 1.23 12.00 -9.96
OB 2BO F . -0.21 11.99 -10.02
C 2BO F . 2.02 14.17 -9.22
O 2BO F . 3.02 14.59 -8.75
OT 2BO F . 1.35 14.69 -10.15
CG 2BO F . 1.99 10.69 -9.87
#